data_1YX2
#
_entry.id   1YX2
#
_cell.length_a   47.628
_cell.length_b   88.095
_cell.length_c   88.764
_cell.angle_alpha   90.00
_cell.angle_beta   101.78
_cell.angle_gamma   90.00
#
_symmetry.space_group_name_H-M   'P 1 21 1'
#
loop_
_entity.id
_entity.type
_entity.pdbx_description
1 polymer Aminomethyltransferase
2 non-polymer 1,2-ETHANEDIOL
3 water water
#
_entity_poly.entity_id   1
_entity_poly.type   'polypeptide(L)'
_entity_poly.pdbx_seq_one_letter_code
;SNA(MSE)LKRTPLFDLYKEYGGKTIDFGGWELPVQFSSIKKEHEAVRTAAGLFDVSH(MSE)GEVEVSGNDSLSFLQRL
(MSE)TNDVSALTPGRAQYTA(MSE)CYPDGGTVDDLLIYQKGENRYLLVINASNIDKDLAW(MSE)KEHAAGDVQIDNQ
SDQIALLAVQGPKAEAILKNLTDADVSALKPFAFIDEADISGRKALISRTGYTGEDGYEIYCRSDDA(MSE)HIWKKIID
AGDAYGLIPCGLGARDTLRFEANIPLYGQELTRDITPIEAGIGFAVKHKKESDFFGKSVLSEQKENGAKRKLVGLE
(MSE)IEKGIPRHGYEVFQNGKSVGKVTTGTQSPTLGKNVGLALIDSETSEIGTVVDVEIRKKLVKAKVVKTPFYKR
;
_entity_poly.pdbx_strand_id   A,B
#
loop_
_chem_comp.id
_chem_comp.type
_chem_comp.name
_chem_comp.formula
EDO non-polymer 1,2-ETHANEDIOL 'C2 H6 O2'
#
# COMPACT_ATOMS: atom_id res chain seq x y z
N LEU A 5 -1.28 -5.53 8.26
CA LEU A 5 -0.31 -6.17 7.32
C LEU A 5 -0.84 -6.25 5.88
N LYS A 6 0.07 -6.56 4.95
CA LYS A 6 -0.26 -6.62 3.53
C LYS A 6 -0.83 -8.00 3.20
N ARG A 7 -1.87 -8.01 2.36
CA ARG A 7 -2.66 -9.22 2.09
C ARG A 7 -3.03 -9.38 0.62
N THR A 8 -2.90 -10.60 0.11
CA THR A 8 -3.29 -10.94 -1.26
C THR A 8 -4.80 -11.04 -1.34
N PRO A 9 -5.37 -10.98 -2.57
CA PRO A 9 -6.80 -11.20 -2.72
C PRO A 9 -7.24 -12.61 -2.30
N LEU A 10 -6.29 -13.53 -2.17
CA LEU A 10 -6.57 -14.89 -1.71
C LEU A 10 -6.69 -15.02 -0.19
N PHE A 11 -6.15 -14.04 0.56
CA PHE A 11 -6.06 -14.15 2.03
C PHE A 11 -7.24 -14.81 2.73
N ASP A 12 -8.46 -14.32 2.49
CA ASP A 12 -9.66 -14.77 3.19
C ASP A 12 -9.98 -16.25 2.96
N LEU A 13 -9.14 -16.92 2.18
CA LEU A 13 -9.33 -18.32 1.82
C LEU A 13 -8.39 -19.25 2.57
N TYR A 14 -7.36 -18.70 3.22
CA TYR A 14 -6.32 -19.47 3.91
C TYR A 14 -6.82 -20.41 5.02
N LYS A 15 -7.70 -19.90 5.89
CA LYS A 15 -8.22 -20.66 7.04
C LYS A 15 -8.86 -21.99 6.60
N GLU A 16 -9.73 -21.91 5.60
CA GLU A 16 -10.38 -23.07 4.98
C GLU A 16 -9.42 -24.20 4.63
N TYR A 17 -8.31 -23.86 3.96
CA TYR A 17 -7.35 -24.86 3.48
C TYR A 17 -6.23 -25.13 4.49
N GLY A 18 -6.33 -24.51 5.65
CA GLY A 18 -5.41 -24.75 6.76
C GLY A 18 -4.09 -23.99 6.65
N GLY A 19 -4.14 -22.80 6.05
CA GLY A 19 -2.96 -21.97 5.86
C GLY A 19 -2.43 -21.33 7.13
N LYS A 20 -1.22 -21.73 7.49
N LYS A 20 -1.26 -21.81 7.58
CA LYS A 20 -0.54 -21.24 8.68
CA LYS A 20 -0.52 -21.20 8.71
C LYS A 20 0.34 -20.02 8.30
C LYS A 20 0.27 -20.01 8.19
N THR A 21 -0.17 -18.82 8.59
CA THR A 21 0.39 -17.55 8.09
C THR A 21 1.63 -16.98 8.81
N ILE A 22 2.50 -16.36 8.03
CA ILE A 22 3.69 -15.66 8.52
C ILE A 22 3.80 -14.26 7.91
N ASP A 23 4.30 -13.31 8.70
N ASP A 23 4.27 -13.29 8.71
CA ASP A 23 4.47 -11.92 8.25
CA ASP A 23 4.50 -11.93 8.24
C ASP A 23 5.71 -11.76 7.36
C ASP A 23 5.77 -11.85 7.39
N PHE A 24 5.64 -12.34 6.16
CA PHE A 24 6.76 -12.41 5.22
C PHE A 24 7.04 -11.05 4.55
N GLY A 25 7.77 -10.20 5.28
CA GLY A 25 8.16 -8.87 4.80
C GLY A 25 7.02 -7.91 4.56
N GLY A 26 6.14 -7.79 5.54
CA GLY A 26 4.98 -6.92 5.42
C GLY A 26 3.75 -7.65 4.94
N TRP A 27 3.94 -8.58 4.00
CA TRP A 27 2.87 -9.45 3.52
C TRP A 27 2.71 -10.64 4.44
N GLU A 28 1.49 -10.89 4.93
CA GLU A 28 1.24 -12.15 5.63
C GLU A 28 0.77 -13.27 4.68
N LEU A 29 1.66 -14.24 4.50
CA LEU A 29 1.52 -15.31 3.53
C LEU A 29 1.74 -16.64 4.22
N PRO A 30 1.20 -17.74 3.66
CA PRO A 30 1.29 -19.05 4.33
C PRO A 30 2.67 -19.68 4.24
N VAL A 31 3.21 -20.14 5.38
CA VAL A 31 4.44 -20.94 5.36
C VAL A 31 4.14 -22.40 5.05
N GLN A 32 2.91 -22.79 5.35
CA GLN A 32 2.43 -24.15 5.08
C GLN A 32 0.92 -24.21 5.14
N PHE A 33 0.38 -25.34 4.68
CA PHE A 33 -1.06 -25.61 4.72
C PHE A 33 -1.29 -26.92 5.46
N SER A 34 -0.29 -27.78 5.43
CA SER A 34 -0.35 -29.04 6.15
C SER A 34 1.02 -29.42 6.68
N SER A 35 2.00 -29.49 5.79
CA SER A 35 3.34 -29.93 6.15
C SER A 35 4.32 -29.63 5.02
N ILE A 36 5.42 -28.96 5.35
CA ILE A 36 6.51 -28.70 4.41
C ILE A 36 6.85 -29.97 3.60
N LYS A 37 6.95 -31.10 4.31
CA LYS A 37 7.33 -32.37 3.72
C LYS A 37 6.32 -32.90 2.71
N LYS A 38 5.03 -32.73 3.01
CA LYS A 38 3.99 -33.25 2.15
C LYS A 38 3.87 -32.37 0.90
N GLU A 39 3.96 -31.06 1.13
CA GLU A 39 3.89 -30.07 0.07
C GLU A 39 5.01 -30.25 -0.95
N HIS A 40 6.25 -30.37 -0.48
CA HIS A 40 7.39 -30.72 -1.33
C HIS A 40 7.12 -32.02 -2.10
N GLU A 41 6.65 -33.04 -1.40
CA GLU A 41 6.34 -34.33 -2.00
C GLU A 41 5.27 -34.26 -3.08
N ALA A 42 4.27 -33.41 -2.88
CA ALA A 42 3.19 -33.20 -3.87
C ALA A 42 3.71 -32.59 -5.17
N VAL A 43 4.32 -31.41 -5.09
CA VAL A 43 4.90 -30.78 -6.27
C VAL A 43 5.90 -31.71 -7.00
N ARG A 44 6.51 -32.63 -6.26
N ARG A 44 6.50 -32.64 -6.27
CA ARG A 44 7.42 -33.61 -6.83
CA ARG A 44 7.44 -33.61 -6.84
C ARG A 44 6.73 -34.72 -7.63
C ARG A 44 6.75 -34.75 -7.60
N THR A 45 5.58 -35.17 -7.13
CA THR A 45 4.89 -36.35 -7.70
C THR A 45 3.45 -36.11 -8.18
N ALA A 46 2.79 -35.11 -7.61
CA ALA A 46 1.49 -34.70 -8.10
C ALA A 46 1.62 -33.30 -8.70
N ALA A 47 0.91 -32.34 -8.11
CA ALA A 47 1.13 -30.92 -8.39
C ALA A 47 1.02 -30.17 -7.08
N GLY A 48 1.27 -28.85 -7.13
CA GLY A 48 1.10 -27.99 -5.96
C GLY A 48 0.66 -26.58 -6.31
N LEU A 49 -0.36 -26.02 -5.60
N LEU A 49 -0.04 -26.03 -5.32
CA LEU A 49 -0.82 -24.60 -5.88
CA LEU A 49 -0.67 -24.78 -5.43
C LEU A 49 -0.38 -23.57 -4.81
C LEU A 49 0.01 -23.73 -4.58
N PHE A 50 0.54 -22.70 -5.21
CA PHE A 50 1.08 -21.60 -4.43
C PHE A 50 0.36 -20.30 -4.75
N ASP A 51 -0.03 -19.57 -3.70
CA ASP A 51 -0.40 -18.16 -3.84
C ASP A 51 0.90 -17.37 -3.92
N VAL A 52 0.98 -16.52 -4.92
CA VAL A 52 2.18 -15.75 -5.20
C VAL A 52 1.77 -14.36 -5.70
N SER A 53 0.63 -13.89 -5.19
CA SER A 53 0.04 -12.60 -5.59
C SER A 53 0.69 -11.40 -4.90
N HIS A 54 1.61 -11.66 -3.98
CA HIS A 54 2.40 -10.58 -3.38
C HIS A 54 3.24 -9.85 -4.42
N MSE A 55 3.77 -10.60 -5.39
CA MSE A 55 4.56 -10.07 -6.50
C MSE A 55 3.98 -8.80 -7.08
O MSE A 55 2.76 -8.60 -7.08
CB MSE A 55 4.71 -11.10 -7.61
CG MSE A 55 5.35 -12.39 -7.17
SE MSE A 55 7.25 -12.20 -6.82
CE MSE A 55 7.91 -12.52 -8.62
N GLY A 56 4.87 -7.93 -7.55
CA GLY A 56 4.45 -6.68 -8.20
C GLY A 56 4.41 -6.87 -9.70
N GLU A 57 3.62 -6.03 -10.36
CA GLU A 57 3.54 -6.06 -11.81
C GLU A 57 3.42 -4.66 -12.39
N VAL A 58 4.31 -4.36 -13.32
CA VAL A 58 4.48 -3.02 -13.79
C VAL A 58 4.47 -3.06 -15.31
N GLU A 59 3.59 -2.25 -15.90
CA GLU A 59 3.51 -2.16 -17.34
C GLU A 59 4.46 -1.08 -17.84
N VAL A 60 5.24 -1.44 -18.85
CA VAL A 60 6.16 -0.53 -19.51
C VAL A 60 5.81 -0.45 -20.99
N SER A 61 5.36 0.73 -21.41
CA SER A 61 4.96 0.98 -22.79
C SER A 61 5.53 2.30 -23.30
N GLY A 62 5.37 2.54 -24.59
CA GLY A 62 5.98 3.68 -25.28
C GLY A 62 6.92 3.22 -26.36
N ASN A 63 7.09 4.04 -27.39
CA ASN A 63 7.96 3.74 -28.54
C ASN A 63 9.39 3.38 -28.19
N ASP A 64 9.87 3.89 -27.06
CA ASP A 64 11.25 3.68 -26.63
C ASP A 64 11.41 2.66 -25.50
N SER A 65 10.32 1.93 -25.23
N SER A 65 10.35 1.94 -25.17
CA SER A 65 10.22 0.93 -24.16
CA SER A 65 10.44 1.03 -24.03
C SER A 65 11.30 -0.16 -24.23
C SER A 65 11.47 -0.08 -24.24
N LEU A 66 11.58 -0.64 -25.44
CA LEU A 66 12.58 -1.68 -25.70
C LEU A 66 14.01 -1.18 -25.44
N SER A 67 14.34 0.01 -25.94
CA SER A 67 15.66 0.63 -25.72
C SER A 67 15.86 0.89 -24.23
N PHE A 68 14.81 1.41 -23.60
CA PHE A 68 14.76 1.65 -22.17
C PHE A 68 15.00 0.36 -21.40
N LEU A 69 14.34 -0.72 -21.81
CA LEU A 69 14.48 -1.98 -21.10
C LEU A 69 15.84 -2.62 -21.31
N GLN A 70 16.44 -2.37 -22.47
CA GLN A 70 17.74 -2.94 -22.85
C GLN A 70 18.91 -2.37 -22.04
N ARG A 71 18.77 -1.11 -21.61
CA ARG A 71 19.74 -0.46 -20.72
C ARG A 71 19.63 -0.91 -19.26
N LEU A 72 18.43 -1.18 -18.77
N LEU A 72 18.40 -1.19 -18.85
CA LEU A 72 18.31 -1.62 -17.37
CA LEU A 72 18.03 -1.51 -17.49
C LEU A 72 18.51 -3.10 -17.15
C LEU A 72 18.25 -3.01 -17.15
N MSE A 73 18.13 -3.90 -18.15
CA MSE A 73 18.14 -5.34 -17.93
C MSE A 73 19.43 -6.00 -18.41
O MSE A 73 20.10 -5.52 -19.32
CB MSE A 73 16.90 -6.01 -18.55
CG MSE A 73 15.57 -5.35 -18.23
SE MSE A 73 15.20 -5.25 -16.33
CE MSE A 73 13.64 -4.03 -16.34
N THR A 74 19.77 -7.13 -17.78
CA THR A 74 20.99 -7.88 -18.14
C THR A 74 20.80 -8.87 -19.31
N ASN A 75 19.54 -9.27 -19.50
CA ASN A 75 19.18 -10.17 -20.58
C ASN A 75 18.88 -9.37 -21.83
N ASP A 76 18.93 -10.03 -22.98
CA ASP A 76 18.65 -9.37 -24.23
C ASP A 76 17.15 -9.36 -24.47
N VAL A 77 16.49 -8.26 -24.10
CA VAL A 77 15.02 -8.22 -24.24
C VAL A 77 14.51 -8.08 -25.70
N SER A 78 15.45 -7.93 -26.64
CA SER A 78 15.20 -8.06 -28.09
C SER A 78 14.75 -9.45 -28.47
N ALA A 79 15.17 -10.44 -27.71
CA ALA A 79 14.84 -11.84 -27.97
C ALA A 79 13.36 -12.17 -27.70
N LEU A 80 12.66 -11.28 -26.99
CA LEU A 80 11.21 -11.44 -26.76
C LEU A 80 10.40 -11.18 -28.03
N THR A 81 9.28 -11.92 -28.12
CA THR A 81 8.22 -11.67 -29.10
C THR A 81 6.94 -11.67 -28.26
N PRO A 82 5.90 -10.91 -28.68
CA PRO A 82 4.62 -11.05 -27.99
C PRO A 82 4.26 -12.51 -27.84
N GLY A 83 3.78 -12.89 -26.66
CA GLY A 83 3.50 -14.28 -26.34
C GLY A 83 4.68 -15.00 -25.68
N ARG A 84 5.79 -14.28 -25.51
CA ARG A 84 7.00 -14.86 -24.92
C ARG A 84 7.49 -14.02 -23.75
N ALA A 85 8.13 -14.67 -22.79
CA ALA A 85 8.67 -14.00 -21.61
C ALA A 85 10.10 -14.44 -21.36
N GLN A 86 10.80 -13.68 -20.52
CA GLN A 86 12.17 -14.04 -20.16
C GLN A 86 12.48 -13.69 -18.71
N TYR A 87 13.40 -14.44 -18.13
CA TYR A 87 13.88 -14.14 -16.81
C TYR A 87 15.13 -13.26 -16.92
N THR A 88 15.22 -12.26 -16.06
CA THR A 88 16.31 -11.28 -16.12
C THR A 88 16.67 -10.74 -14.73
N ALA A 89 17.88 -10.18 -14.61
CA ALA A 89 18.30 -9.37 -13.48
C ALA A 89 18.25 -7.89 -13.90
N MSE A 90 18.17 -6.99 -12.92
CA MSE A 90 18.31 -5.58 -13.11
C MSE A 90 19.41 -5.15 -12.14
O MSE A 90 19.28 -5.34 -10.94
CB MSE A 90 16.99 -4.87 -12.79
CG MSE A 90 16.86 -3.49 -13.38
SE MSE A 90 15.11 -2.72 -13.19
CE MSE A 90 14.63 -3.32 -11.47
N CYS A 91 20.51 -4.64 -12.70
CA CYS A 91 21.72 -4.35 -11.91
C CYS A 91 22.10 -2.87 -11.76
N TYR A 92 22.88 -2.59 -10.71
CA TYR A 92 23.55 -1.30 -10.52
C TYR A 92 24.86 -1.29 -11.33
N PRO A 93 25.41 -0.09 -11.63
CA PRO A 93 26.68 -0.01 -12.37
C PRO A 93 27.74 -1.02 -11.93
N ASP A 94 27.81 -1.29 -10.63
CA ASP A 94 28.81 -2.23 -10.06
C ASP A 94 28.44 -3.71 -10.16
N GLY A 95 27.32 -4.01 -10.80
CA GLY A 95 26.89 -5.40 -11.02
C GLY A 95 26.10 -6.02 -9.87
N GLY A 96 25.89 -5.25 -8.81
CA GLY A 96 24.96 -5.60 -7.74
C GLY A 96 23.52 -5.51 -8.22
N THR A 97 22.64 -6.29 -7.60
CA THR A 97 21.29 -6.51 -8.12
C THR A 97 20.20 -5.62 -7.50
N VAL A 98 19.50 -4.88 -8.36
CA VAL A 98 18.31 -4.11 -7.97
C VAL A 98 17.18 -5.12 -7.74
N ASP A 99 16.96 -6.01 -8.71
CA ASP A 99 15.97 -7.05 -8.60
C ASP A 99 16.21 -8.13 -9.64
N ASP A 100 15.55 -9.26 -9.46
CA ASP A 100 15.41 -10.22 -10.56
C ASP A 100 13.93 -10.30 -10.90
N LEU A 101 13.63 -10.58 -12.15
CA LEU A 101 12.26 -10.45 -12.64
C LEU A 101 12.01 -11.18 -13.94
N LEU A 102 10.72 -11.30 -14.24
CA LEU A 102 10.23 -11.81 -15.52
C LEU A 102 9.64 -10.67 -16.30
N ILE A 103 10.00 -10.60 -17.58
CA ILE A 103 9.40 -9.65 -18.51
C ILE A 103 8.57 -10.44 -19.52
N TYR A 104 7.30 -10.06 -19.65
CA TYR A 104 6.41 -10.58 -20.69
C TYR A 104 6.22 -9.51 -21.73
N GLN A 105 6.43 -9.86 -23.00
CA GLN A 105 6.03 -8.96 -24.08
C GLN A 105 4.59 -9.25 -24.46
N LYS A 106 3.71 -8.28 -24.22
CA LYS A 106 2.28 -8.43 -24.47
C LYS A 106 1.88 -7.95 -25.88
N GLY A 107 2.74 -7.15 -26.50
CA GLY A 107 2.54 -6.66 -27.86
C GLY A 107 3.76 -5.83 -28.28
N GLU A 108 3.73 -5.28 -29.49
CA GLU A 108 4.82 -4.38 -29.88
C GLU A 108 4.81 -3.23 -28.91
N ASN A 109 6.00 -2.96 -28.33
N ASN A 109 5.95 -2.85 -28.40
CA ASN A 109 6.34 -1.88 -27.33
CA ASN A 109 5.91 -1.73 -27.48
C ASN A 109 5.45 -1.79 -26.03
C ASN A 109 5.46 -2.11 -26.03
N ARG A 110 5.22 -2.99 -25.49
N ARG A 110 4.45 -2.96 -25.81
CA ARG A 110 4.19 -3.30 -24.51
CA ARG A 110 3.98 -3.18 -24.38
C ARG A 110 4.69 -4.45 -23.63
C ARG A 110 4.61 -4.39 -23.63
N TYR A 111 5.10 -4.12 -22.42
CA TYR A 111 5.77 -5.12 -21.57
C TYR A 111 5.22 -5.15 -20.17
N LEU A 112 5.10 -6.35 -19.61
CA LEU A 112 4.70 -6.55 -18.24
C LEU A 112 5.88 -7.08 -17.44
N LEU A 113 6.29 -6.32 -16.44
CA LEU A 113 7.38 -6.72 -15.55
C LEU A 113 6.84 -7.25 -14.23
N VAL A 114 7.17 -8.52 -13.94
CA VAL A 114 6.77 -9.18 -12.71
C VAL A 114 7.95 -9.16 -11.76
N ILE A 115 7.82 -8.34 -10.72
CA ILE A 115 8.93 -7.97 -9.85
C ILE A 115 8.65 -8.45 -8.41
N ASN A 116 9.69 -8.54 -7.59
CA ASN A 116 9.51 -8.93 -6.19
C ASN A 116 8.74 -7.87 -5.40
N ALA A 117 7.81 -8.33 -4.54
CA ALA A 117 6.96 -7.45 -3.75
C ALA A 117 7.76 -6.45 -2.92
N SER A 118 8.84 -6.94 -2.30
CA SER A 118 9.71 -6.10 -1.47
C SER A 118 10.31 -4.92 -2.22
N ASN A 119 10.43 -5.05 -3.54
CA ASN A 119 11.19 -4.10 -4.33
C ASN A 119 10.36 -3.18 -5.21
N ILE A 120 9.04 -3.26 -5.14
CA ILE A 120 8.26 -2.51 -6.14
C ILE A 120 8.64 -1.01 -6.14
N ASP A 121 8.61 -0.37 -4.97
CA ASP A 121 8.98 1.04 -4.83
C ASP A 121 10.45 1.30 -5.18
N LYS A 122 11.34 0.43 -4.72
CA LYS A 122 12.75 0.50 -5.09
C LYS A 122 12.92 0.43 -6.61
N ASP A 123 12.32 -0.60 -7.22
CA ASP A 123 12.39 -0.84 -8.67
C ASP A 123 11.81 0.31 -9.47
N LEU A 124 10.70 0.86 -8.98
CA LEU A 124 10.00 1.96 -9.62
C LEU A 124 10.87 3.22 -9.65
N ALA A 125 11.45 3.58 -8.51
CA ALA A 125 12.32 4.75 -8.41
C ALA A 125 13.55 4.59 -9.29
N TRP A 126 14.15 3.40 -9.27
CA TRP A 126 15.32 3.10 -10.10
C TRP A 126 14.99 3.21 -11.60
N MSE A 127 13.86 2.62 -12.01
CA MSE A 127 13.38 2.74 -13.39
C MSE A 127 13.04 4.17 -13.82
O MSE A 127 13.49 4.62 -14.88
CB MSE A 127 12.19 1.82 -13.64
CG MSE A 127 12.49 0.34 -13.53
SE MSE A 127 10.97 -0.80 -13.93
CE MSE A 127 9.83 -0.33 -12.52
N LYS A 128 12.25 4.88 -13.03
CA LYS A 128 11.82 6.25 -13.35
C LYS A 128 13.02 7.20 -13.48
N GLU A 129 14.06 6.95 -12.68
CA GLU A 129 15.34 7.67 -12.71
C GLU A 129 16.02 7.62 -14.07
N HIS A 130 15.97 6.44 -14.69
CA HIS A 130 16.68 6.17 -15.94
C HIS A 130 15.75 6.14 -17.15
N ALA A 131 14.56 6.72 -17.00
CA ALA A 131 13.63 6.85 -18.13
C ALA A 131 14.13 7.94 -19.07
N ALA A 132 13.94 7.70 -20.37
CA ALA A 132 14.38 8.60 -21.42
C ALA A 132 13.61 8.22 -22.67
N GLY A 133 12.99 9.23 -23.28
CA GLY A 133 12.21 9.04 -24.49
C GLY A 133 10.76 8.75 -24.18
N ASP A 134 10.10 8.06 -25.10
CA ASP A 134 8.69 7.74 -24.93
C ASP A 134 8.53 6.46 -24.10
N VAL A 135 8.58 6.62 -22.78
CA VAL A 135 8.49 5.48 -21.87
C VAL A 135 7.46 5.77 -20.78
N GLN A 136 6.49 4.88 -20.64
CA GLN A 136 5.54 4.97 -19.54
C GLN A 136 5.59 3.75 -18.63
N ILE A 137 5.76 4.02 -17.34
CA ILE A 137 5.85 3.03 -16.30
C ILE A 137 4.57 3.14 -15.47
N ASP A 138 3.73 2.11 -15.56
CA ASP A 138 2.41 2.06 -14.91
C ASP A 138 2.35 0.90 -13.91
N ASN A 139 2.27 1.24 -12.62
CA ASN A 139 2.20 0.23 -11.57
C ASN A 139 0.80 -0.37 -11.50
N GLN A 140 0.71 -1.65 -11.84
CA GLN A 140 -0.55 -2.40 -11.86
C GLN A 140 -0.55 -3.49 -10.78
N SER A 141 0.25 -3.29 -9.74
CA SER A 141 0.44 -4.28 -8.66
C SER A 141 -0.82 -4.74 -7.93
N ASP A 142 -1.67 -3.79 -7.50
N ASP A 142 -1.64 -3.77 -7.49
CA ASP A 142 -2.90 -4.14 -6.75
CA ASP A 142 -2.81 -4.08 -6.69
C ASP A 142 -3.90 -4.91 -7.57
C ASP A 142 -4.07 -4.39 -7.56
N GLN A 143 -3.86 -4.64 -8.86
CA GLN A 143 -4.91 -5.09 -9.79
C GLN A 143 -4.71 -6.53 -10.25
N ILE A 144 -3.51 -7.07 -10.05
CA ILE A 144 -3.18 -8.40 -10.58
C ILE A 144 -2.82 -9.40 -9.48
N ALA A 145 -3.47 -10.56 -9.53
CA ALA A 145 -3.16 -11.71 -8.67
C ALA A 145 -2.35 -12.76 -9.46
N LEU A 146 -1.65 -13.64 -8.73
CA LEU A 146 -0.77 -14.62 -9.36
C LEU A 146 -0.83 -15.97 -8.66
N LEU A 147 -1.38 -16.96 -9.37
CA LEU A 147 -1.44 -18.34 -8.88
C LEU A 147 -0.52 -19.21 -9.69
N ALA A 148 0.29 -20.02 -9.01
CA ALA A 148 1.21 -20.95 -9.66
C ALA A 148 0.84 -22.40 -9.39
N VAL A 149 0.88 -23.25 -10.43
CA VAL A 149 0.64 -24.69 -10.31
C VAL A 149 1.90 -25.43 -10.74
N GLN A 150 2.43 -26.27 -9.86
CA GLN A 150 3.79 -26.82 -10.03
C GLN A 150 3.91 -28.32 -9.77
N GLY A 151 4.24 -29.08 -10.82
CA GLY A 151 4.48 -30.50 -10.67
C GLY A 151 4.29 -31.29 -11.95
N PRO A 152 4.58 -32.60 -11.92
CA PRO A 152 4.33 -33.46 -13.09
C PRO A 152 2.87 -33.54 -13.56
N LYS A 153 1.92 -33.17 -12.69
CA LYS A 153 0.50 -33.23 -13.05
C LYS A 153 -0.12 -31.86 -13.32
N ALA A 154 0.71 -30.81 -13.31
CA ALA A 154 0.25 -29.44 -13.50
C ALA A 154 -0.44 -29.23 -14.84
N GLU A 155 0.16 -29.79 -15.90
N GLU A 155 0.16 -29.76 -15.91
CA GLU A 155 -0.39 -29.71 -17.25
CA GLU A 155 -0.44 -29.68 -17.24
C GLU A 155 -1.77 -30.38 -17.33
C GLU A 155 -1.81 -30.35 -17.29
N ALA A 156 -1.89 -31.57 -16.75
CA ALA A 156 -3.15 -32.34 -16.73
C ALA A 156 -4.28 -31.59 -16.01
N ILE A 157 -3.97 -30.91 -14.92
CA ILE A 157 -4.96 -30.13 -14.18
C ILE A 157 -5.38 -28.89 -14.98
N LEU A 158 -4.41 -28.25 -15.63
CA LEU A 158 -4.65 -27.03 -16.38
C LEU A 158 -5.50 -27.23 -17.64
N LYS A 159 -5.48 -28.45 -18.16
CA LYS A 159 -6.37 -28.84 -19.25
C LYS A 159 -7.83 -28.66 -18.86
N ASN A 160 -8.13 -29.06 -17.63
CA ASN A 160 -9.49 -29.11 -17.09
C ASN A 160 -10.06 -27.75 -16.68
N LEU A 161 -9.27 -26.70 -16.82
CA LEU A 161 -9.60 -25.35 -16.34
C LEU A 161 -10.00 -24.40 -17.46
N THR A 162 -9.39 -24.60 -18.62
CA THR A 162 -9.60 -23.72 -19.78
C THR A 162 -9.71 -24.53 -21.08
N ASP A 163 -10.37 -23.95 -22.07
CA ASP A 163 -10.47 -24.53 -23.39
C ASP A 163 -9.23 -24.27 -24.21
N ALA A 164 -8.58 -23.13 -23.94
CA ALA A 164 -7.36 -22.73 -24.61
C ALA A 164 -6.30 -23.82 -24.54
N ASP A 165 -5.48 -23.93 -25.59
CA ASP A 165 -4.50 -25.00 -25.74
C ASP A 165 -3.21 -24.75 -24.94
N VAL A 166 -3.33 -24.72 -23.62
CA VAL A 166 -2.17 -24.60 -22.72
C VAL A 166 -1.13 -25.72 -22.92
N SER A 167 -1.58 -26.86 -23.44
CA SER A 167 -0.70 -27.98 -23.74
C SER A 167 0.32 -27.66 -24.86
N ALA A 168 -0.02 -26.71 -25.73
CA ALA A 168 0.88 -26.29 -26.81
C ALA A 168 2.02 -25.39 -26.31
N LEU A 169 1.78 -24.67 -25.22
CA LEU A 169 2.77 -23.76 -24.62
C LEU A 169 4.12 -24.40 -24.34
N LYS A 170 5.18 -23.82 -24.89
CA LYS A 170 6.56 -24.19 -24.53
C LYS A 170 6.99 -23.37 -23.30
N PRO A 171 8.11 -23.75 -22.65
CA PRO A 171 8.53 -22.93 -21.51
C PRO A 171 8.67 -21.46 -21.89
N PHE A 172 8.23 -20.59 -20.99
CA PHE A 172 8.28 -19.13 -21.19
C PHE A 172 7.34 -18.60 -22.27
N ALA A 173 6.51 -19.48 -22.83
CA ALA A 173 5.44 -19.03 -23.72
C ALA A 173 4.19 -18.74 -22.89
N PHE A 174 3.34 -17.85 -23.39
CA PHE A 174 2.12 -17.54 -22.66
C PHE A 174 0.94 -17.29 -23.58
N ILE A 175 -0.26 -17.47 -23.03
CA ILE A 175 -1.49 -17.11 -23.71
C ILE A 175 -2.16 -16.05 -22.87
N ASP A 176 -2.48 -14.93 -23.51
CA ASP A 176 -3.16 -13.84 -22.85
C ASP A 176 -4.68 -13.94 -23.04
N GLU A 177 -5.42 -13.42 -22.06
CA GLU A 177 -6.88 -13.30 -22.11
C GLU A 177 -7.57 -14.65 -22.31
N ALA A 178 -6.94 -15.71 -21.81
CA ALA A 178 -7.52 -17.05 -21.84
C ALA A 178 -8.67 -17.18 -20.84
N ASP A 179 -9.63 -18.05 -21.14
CA ASP A 179 -10.84 -18.21 -20.34
C ASP A 179 -10.72 -19.33 -19.31
N ILE A 180 -10.87 -18.99 -18.03
CA ILE A 180 -10.96 -19.97 -16.97
C ILE A 180 -12.31 -19.79 -16.29
N SER A 181 -13.23 -20.71 -16.58
CA SER A 181 -14.63 -20.62 -16.13
C SER A 181 -15.19 -19.18 -16.20
N GLY A 182 -15.14 -18.59 -17.40
CA GLY A 182 -15.66 -17.24 -17.63
C GLY A 182 -14.73 -16.13 -17.17
N ARG A 183 -13.52 -16.51 -16.74
CA ARG A 183 -12.54 -15.54 -16.21
C ARG A 183 -11.34 -15.39 -17.14
N LYS A 184 -11.05 -14.15 -17.52
CA LYS A 184 -9.91 -13.81 -18.38
C LYS A 184 -8.62 -13.80 -17.56
N ALA A 185 -7.64 -14.56 -18.03
CA ALA A 185 -6.37 -14.70 -17.33
C ALA A 185 -5.22 -14.93 -18.29
N LEU A 186 -4.04 -14.39 -17.94
CA LEU A 186 -2.81 -14.69 -18.66
C LEU A 186 -2.23 -15.99 -18.11
N ILE A 187 -2.02 -16.97 -18.98
CA ILE A 187 -1.42 -18.25 -18.59
C ILE A 187 -0.05 -18.46 -19.22
N SER A 188 0.99 -18.53 -18.38
CA SER A 188 2.35 -18.74 -18.87
C SER A 188 2.93 -20.05 -18.38
N ARG A 189 3.77 -20.67 -19.21
CA ARG A 189 4.49 -21.86 -18.79
C ARG A 189 5.78 -21.44 -18.09
N THR A 190 5.64 -21.07 -16.82
CA THR A 190 6.73 -20.61 -15.97
C THR A 190 6.49 -21.04 -14.54
N GLY A 191 7.53 -21.44 -13.84
CA GLY A 191 7.38 -21.87 -12.46
C GLY A 191 8.38 -21.27 -11.50
N TYR A 192 8.48 -21.87 -10.31
CA TYR A 192 9.48 -21.52 -9.29
C TYR A 192 9.69 -22.73 -8.37
N THR A 193 9.87 -23.91 -8.97
CA THR A 193 9.82 -25.17 -8.23
C THR A 193 10.74 -26.25 -8.81
N GLY A 194 11.04 -26.14 -10.11
CA GLY A 194 11.94 -27.10 -10.78
C GLY A 194 11.24 -28.29 -11.42
N GLU A 195 9.92 -28.23 -11.48
CA GLU A 195 9.13 -29.21 -12.22
C GLU A 195 8.48 -28.50 -13.39
N ASP A 196 7.79 -29.26 -14.25
CA ASP A 196 6.85 -28.64 -15.16
C ASP A 196 5.94 -27.77 -14.28
N GLY A 197 5.41 -26.70 -14.84
CA GLY A 197 4.66 -25.75 -14.04
C GLY A 197 4.22 -24.52 -14.81
N TYR A 198 3.05 -24.03 -14.43
CA TYR A 198 2.46 -22.89 -15.08
C TYR A 198 2.14 -21.80 -14.06
N GLU A 199 2.01 -20.57 -14.55
CA GLU A 199 1.60 -19.44 -13.71
C GLU A 199 0.41 -18.72 -14.31
N ILE A 200 -0.51 -18.32 -13.46
CA ILE A 200 -1.77 -17.74 -13.90
C ILE A 200 -1.94 -16.35 -13.32
N TYR A 201 -1.89 -15.35 -14.19
CA TYR A 201 -2.11 -13.97 -13.81
C TYR A 201 -3.57 -13.60 -14.08
N CYS A 202 -4.23 -13.05 -13.07
CA CYS A 202 -5.65 -12.70 -13.18
C CYS A 202 -5.92 -11.37 -12.49
N ARG A 203 -7.11 -10.82 -12.71
CA ARG A 203 -7.58 -9.67 -11.96
C ARG A 203 -7.70 -10.07 -10.49
N SER A 204 -7.37 -9.14 -9.59
CA SER A 204 -7.47 -9.36 -8.14
C SER A 204 -8.80 -9.98 -7.74
N ASP A 205 -9.87 -9.53 -8.39
CA ASP A 205 -11.24 -9.97 -8.12
C ASP A 205 -11.44 -11.46 -8.38
N ASP A 206 -10.74 -12.00 -9.36
CA ASP A 206 -11.01 -13.35 -9.87
C ASP A 206 -10.14 -14.46 -9.26
N ALA A 207 -9.19 -14.08 -8.39
CA ALA A 207 -8.20 -15.01 -7.83
C ALA A 207 -8.77 -16.16 -7.00
N MSE A 208 -9.66 -15.82 -6.06
CA MSE A 208 -10.29 -16.83 -5.20
C MSE A 208 -11.12 -17.82 -6.02
O MSE A 208 -11.08 -19.04 -5.76
CB MSE A 208 -11.16 -16.17 -4.12
CG MSE A 208 -10.37 -15.36 -3.11
SE MSE A 208 -11.48 -14.47 -1.79
CE MSE A 208 -11.39 -15.77 -0.38
N HIS A 209 -11.85 -17.30 -7.00
CA HIS A 209 -12.57 -18.13 -7.95
C HIS A 209 -11.67 -19.16 -8.62
N ILE A 210 -10.58 -18.69 -9.21
CA ILE A 210 -9.66 -19.55 -9.97
C ILE A 210 -8.96 -20.54 -9.03
N TRP A 211 -8.57 -20.06 -7.85
CA TRP A 211 -8.03 -20.92 -6.79
C TRP A 211 -8.92 -22.15 -6.53
N LYS A 212 -10.22 -21.92 -6.38
CA LYS A 212 -11.20 -22.98 -6.10
C LYS A 212 -11.33 -23.94 -7.27
N LYS A 213 -11.33 -23.41 -8.48
CA LYS A 213 -11.42 -24.25 -9.67
C LYS A 213 -10.15 -25.09 -9.84
N ILE A 214 -9.02 -24.57 -9.35
CA ILE A 214 -7.75 -25.32 -9.39
C ILE A 214 -7.71 -26.45 -8.35
N ILE A 215 -8.26 -26.22 -7.16
CA ILE A 215 -8.31 -27.28 -6.14
C ILE A 215 -9.25 -28.41 -6.57
N ASP A 216 -10.39 -28.04 -7.17
CA ASP A 216 -11.36 -28.98 -7.72
C ASP A 216 -10.76 -29.81 -8.84
N ALA A 217 -10.15 -29.13 -9.80
CA ALA A 217 -9.57 -29.77 -10.98
C ALA A 217 -8.32 -30.56 -10.64
N GLY A 218 -7.72 -30.26 -9.48
CA GLY A 218 -6.52 -30.94 -9.04
C GLY A 218 -6.73 -32.05 -8.04
N ASP A 219 -7.92 -32.07 -7.43
CA ASP A 219 -8.35 -33.09 -6.46
C ASP A 219 -8.03 -34.52 -6.91
N ALA A 220 -8.35 -34.83 -8.16
CA ALA A 220 -8.13 -36.15 -8.75
C ALA A 220 -6.66 -36.50 -9.01
N TYR A 221 -5.80 -35.48 -9.02
CA TYR A 221 -4.37 -35.66 -9.29
C TYR A 221 -3.49 -35.55 -8.04
N GLY A 222 -4.10 -35.23 -6.91
CA GLY A 222 -3.38 -35.06 -5.64
C GLY A 222 -2.82 -33.67 -5.43
N LEU A 223 -3.59 -32.66 -5.80
CA LEU A 223 -3.15 -31.27 -5.74
C LEU A 223 -3.49 -30.68 -4.37
N ILE A 224 -2.47 -30.12 -3.71
CA ILE A 224 -2.65 -29.47 -2.41
C ILE A 224 -2.11 -28.04 -2.44
N PRO A 225 -2.69 -27.14 -1.61
CA PRO A 225 -2.10 -25.83 -1.39
C PRO A 225 -0.72 -25.94 -0.73
N CYS A 226 0.24 -25.17 -1.24
CA CYS A 226 1.60 -25.17 -0.74
C CYS A 226 2.04 -23.77 -0.31
N GLY A 227 3.05 -23.71 0.56
CA GLY A 227 3.52 -22.43 1.10
C GLY A 227 5.01 -22.19 0.95
N LEU A 228 5.49 -21.18 1.70
CA LEU A 228 6.85 -20.67 1.59
C LEU A 228 7.90 -21.65 2.08
N GLY A 229 7.47 -22.60 2.91
CA GLY A 229 8.34 -23.66 3.37
C GLY A 229 8.80 -24.46 2.18
N ALA A 230 7.85 -25.19 1.58
CA ALA A 230 8.07 -25.98 0.37
C ALA A 230 8.80 -25.24 -0.77
N ARG A 231 8.41 -23.99 -0.94
N ARG A 231 8.47 -23.98 -1.03
CA ARG A 231 9.01 -23.03 -1.88
CA ARG A 231 9.22 -23.18 -2.03
C ARG A 231 10.57 -23.04 -1.78
C ARG A 231 10.70 -23.31 -1.78
N ASP A 232 11.12 -22.95 -0.57
CA ASP A 232 12.56 -22.93 -0.27
C ASP A 232 13.25 -24.29 -0.39
N THR A 233 12.56 -25.34 0.04
CA THR A 233 13.08 -26.71 -0.12
C THR A 233 13.25 -27.03 -1.60
N LEU A 234 12.28 -26.60 -2.41
CA LEU A 234 12.34 -26.82 -3.87
C LEU A 234 13.41 -25.98 -4.54
N ARG A 235 13.53 -24.72 -4.10
CA ARG A 235 14.55 -23.79 -4.56
C ARG A 235 15.97 -24.34 -4.39
N PHE A 236 16.17 -25.02 -3.29
N PHE A 236 16.25 -25.02 -3.25
CA PHE A 236 17.43 -25.62 -2.98
CA PHE A 236 17.57 -25.66 -2.99
C PHE A 236 17.86 -26.66 -3.99
C PHE A 236 17.88 -26.66 -4.06
N GLU A 237 16.98 -27.63 -4.23
CA GLU A 237 17.20 -28.73 -5.15
C GLU A 237 17.30 -28.28 -6.61
N ALA A 238 16.71 -27.12 -6.92
CA ALA A 238 16.82 -26.50 -8.23
C ALA A 238 17.88 -25.37 -8.26
N ASN A 239 18.49 -25.10 -7.11
CA ASN A 239 19.46 -24.01 -6.93
C ASN A 239 18.92 -22.64 -7.37
N ILE A 240 17.64 -22.39 -7.10
CA ILE A 240 16.98 -21.16 -7.54
C ILE A 240 17.21 -20.01 -6.54
N PRO A 241 17.66 -18.83 -7.06
CA PRO A 241 17.86 -17.67 -6.19
C PRO A 241 16.57 -17.02 -5.71
N LEU A 242 16.64 -16.43 -4.51
CA LEU A 242 15.59 -15.57 -3.99
C LEU A 242 16.22 -14.24 -3.62
N TYR A 243 15.62 -13.15 -4.10
CA TYR A 243 16.12 -11.82 -3.76
C TYR A 243 16.06 -11.57 -2.25
N GLY A 244 17.12 -10.99 -1.72
CA GLY A 244 17.23 -10.77 -0.29
C GLY A 244 18.08 -11.88 0.30
N GLN A 245 18.33 -12.90 -0.50
CA GLN A 245 19.14 -14.04 -0.09
C GLN A 245 20.34 -14.35 -1.01
N GLU A 246 20.16 -14.95 -2.16
N GLU A 246 20.04 -15.04 -2.13
CA GLU A 246 21.37 -15.10 -2.97
CA GLU A 246 20.96 -15.38 -3.26
C GLU A 246 21.47 -13.96 -3.98
C GLU A 246 21.34 -14.12 -4.04
N LEU A 247 20.42 -13.14 -4.06
CA LEU A 247 20.50 -11.91 -4.84
C LEU A 247 20.15 -10.72 -3.96
N THR A 248 21.04 -9.74 -3.91
CA THR A 248 20.90 -8.55 -3.06
C THR A 248 21.64 -7.38 -3.72
N ARG A 249 21.62 -6.22 -3.07
CA ARG A 249 22.50 -5.10 -3.41
C ARG A 249 23.98 -5.51 -3.61
N ASP A 250 24.43 -6.50 -2.84
CA ASP A 250 25.84 -6.90 -2.84
C ASP A 250 26.17 -8.18 -3.58
N ILE A 251 25.14 -8.75 -4.20
N ILE A 251 25.19 -8.91 -4.11
CA ILE A 251 25.26 -9.90 -5.05
CA ILE A 251 25.51 -10.14 -4.87
C ILE A 251 25.43 -9.51 -6.49
C ILE A 251 25.16 -9.98 -6.37
N THR A 252 26.12 -10.36 -7.21
CA THR A 252 26.07 -10.29 -8.66
C THR A 252 25.30 -11.52 -9.18
N PRO A 253 24.51 -11.33 -10.26
CA PRO A 253 23.87 -12.46 -10.95
C PRO A 253 24.84 -13.59 -11.34
N ILE A 254 26.07 -13.24 -11.73
CA ILE A 254 27.09 -14.26 -12.00
C ILE A 254 27.34 -15.06 -10.73
N GLU A 255 27.62 -14.36 -9.63
CA GLU A 255 27.88 -14.99 -8.32
C GLU A 255 26.73 -15.86 -7.83
N ALA A 256 25.49 -15.44 -8.13
CA ALA A 256 24.27 -16.14 -7.75
C ALA A 256 23.95 -17.33 -8.67
N GLY A 257 24.72 -17.50 -9.74
CA GLY A 257 24.57 -18.63 -10.65
C GLY A 257 23.57 -18.41 -11.77
N ILE A 258 23.23 -17.15 -12.04
CA ILE A 258 22.27 -16.88 -13.12
C ILE A 258 22.89 -16.12 -14.30
N GLY A 259 24.19 -16.33 -14.51
CA GLY A 259 24.88 -15.79 -15.66
C GLY A 259 24.18 -16.02 -16.98
N PHE A 260 23.45 -17.13 -17.09
CA PHE A 260 22.66 -17.40 -18.30
C PHE A 260 21.68 -16.27 -18.65
N ALA A 261 21.30 -15.50 -17.64
CA ALA A 261 20.35 -14.41 -17.79
C ALA A 261 21.09 -13.09 -18.04
N VAL A 262 22.42 -13.18 -18.06
CA VAL A 262 23.28 -12.03 -18.38
C VAL A 262 23.89 -12.22 -19.76
N LYS A 263 23.41 -11.44 -20.72
N LYS A 263 23.40 -11.49 -20.74
CA LYS A 263 23.90 -11.46 -22.08
CA LYS A 263 23.94 -11.57 -22.08
C LYS A 263 24.90 -10.33 -22.23
C LYS A 263 24.90 -10.40 -22.28
N HIS A 264 26.13 -10.60 -21.79
CA HIS A 264 27.14 -9.56 -21.72
C HIS A 264 27.60 -9.05 -23.08
N LYS A 265 27.27 -9.85 -24.10
N LYS A 265 27.33 -9.77 -24.17
CA LYS A 265 27.60 -9.64 -25.51
CA LYS A 265 27.75 -9.20 -25.45
C LYS A 265 26.51 -8.85 -26.29
C LYS A 265 26.63 -8.53 -26.23
N LYS A 266 25.47 -8.38 -25.59
CA LYS A 266 24.42 -7.48 -26.09
C LYS A 266 25.11 -6.22 -26.62
N GLU A 267 24.69 -5.70 -27.77
CA GLU A 267 25.30 -4.47 -28.29
C GLU A 267 24.93 -3.27 -27.41
N SER A 268 23.71 -3.31 -26.86
CA SER A 268 23.26 -2.27 -25.95
C SER A 268 24.13 -2.25 -24.70
N ASP A 269 24.42 -1.06 -24.21
CA ASP A 269 25.00 -0.95 -22.90
C ASP A 269 23.88 -1.24 -21.92
N PHE A 270 24.23 -1.82 -20.78
CA PHE A 270 23.29 -1.95 -19.68
C PHE A 270 24.01 -1.71 -18.37
N PHE A 271 23.27 -1.26 -17.35
CA PHE A 271 23.86 -1.03 -16.05
C PHE A 271 24.49 -2.33 -15.53
N GLY A 272 25.80 -2.28 -15.28
CA GLY A 272 26.53 -3.41 -14.73
C GLY A 272 27.33 -4.21 -15.74
N LYS A 273 27.15 -3.88 -17.02
CA LYS A 273 27.72 -4.67 -18.13
C LYS A 273 29.23 -4.97 -18.01
N SER A 274 30.03 -3.93 -17.74
CA SER A 274 31.48 -4.08 -17.66
C SER A 274 31.92 -5.06 -16.57
N VAL A 275 31.37 -4.90 -15.37
CA VAL A 275 31.67 -5.76 -14.22
C VAL A 275 31.19 -7.19 -14.47
N LEU A 276 29.96 -7.32 -14.96
CA LEU A 276 29.36 -8.63 -15.24
C LEU A 276 30.05 -9.39 -16.37
N SER A 277 30.53 -8.65 -17.38
CA SER A 277 31.25 -9.25 -18.51
C SER A 277 32.51 -9.93 -18.04
N GLU A 278 33.29 -9.21 -17.22
CA GLU A 278 34.53 -9.74 -16.64
C GLU A 278 34.27 -11.00 -15.81
N GLN A 279 33.25 -10.96 -14.95
CA GLN A 279 32.87 -12.13 -14.15
C GLN A 279 32.42 -13.30 -15.02
N LYS A 280 31.77 -13.01 -16.14
CA LYS A 280 31.39 -14.06 -17.08
C LYS A 280 32.60 -14.65 -17.79
N GLU A 281 33.51 -13.80 -18.27
N GLU A 281 33.50 -13.79 -18.27
CA GLU A 281 34.66 -14.25 -19.05
CA GLU A 281 34.75 -14.20 -18.93
C GLU A 281 35.81 -14.86 -18.19
C GLU A 281 35.55 -15.06 -17.99
N ASN A 282 36.00 -14.40 -16.95
CA ASN A 282 37.04 -14.91 -16.07
C ASN A 282 36.56 -15.77 -14.91
N GLY A 283 35.26 -15.76 -14.65
CA GLY A 283 34.71 -16.43 -13.48
C GLY A 283 34.69 -15.46 -12.32
N ALA A 284 33.70 -15.59 -11.45
CA ALA A 284 33.58 -14.73 -10.27
C ALA A 284 34.36 -15.27 -9.07
N LYS A 285 34.69 -14.37 -8.14
CA LYS A 285 35.46 -14.70 -6.94
C LYS A 285 34.63 -15.44 -5.89
N ARG A 286 33.31 -15.41 -6.05
CA ARG A 286 32.38 -16.13 -5.20
C ARG A 286 31.43 -16.95 -6.06
N LYS A 287 30.94 -18.07 -5.53
N LYS A 287 30.99 -18.10 -5.51
CA LYS A 287 29.86 -18.77 -6.21
CA LYS A 287 30.17 -19.14 -6.19
C LYS A 287 28.88 -19.34 -5.22
C LYS A 287 28.98 -19.64 -5.28
N LEU A 288 27.73 -19.64 -5.77
CA LEU A 288 26.58 -20.14 -4.98
C LEU A 288 26.63 -21.65 -4.97
N VAL A 289 26.62 -22.23 -3.77
CA VAL A 289 26.69 -23.67 -3.61
C VAL A 289 25.59 -24.24 -2.72
N GLY A 290 25.42 -25.56 -2.79
CA GLY A 290 24.63 -26.29 -1.82
C GLY A 290 25.52 -26.78 -0.69
N LEU A 291 25.06 -26.58 0.55
CA LEU A 291 25.68 -27.16 1.73
C LEU A 291 24.68 -28.12 2.37
N GLU A 292 25.13 -29.31 2.75
CA GLU A 292 24.39 -30.12 3.71
C GLU A 292 25.22 -30.32 4.98
N MSE A 293 24.56 -30.15 6.12
CA MSE A 293 25.20 -30.32 7.42
C MSE A 293 25.61 -31.77 7.65
O MSE A 293 24.79 -32.68 7.58
CB MSE A 293 24.25 -29.87 8.54
CG MSE A 293 23.60 -28.51 8.32
SE MSE A 293 24.87 -27.06 7.98
CE MSE A 293 25.78 -27.05 9.65
N ILE A 294 26.91 -31.98 7.90
CA ILE A 294 27.43 -33.29 8.29
C ILE A 294 27.27 -33.48 9.80
N GLU A 295 27.16 -32.38 10.52
CA GLU A 295 26.94 -32.41 11.96
C GLU A 295 25.63 -31.71 12.35
N LYS A 296 25.10 -32.12 13.50
N LYS A 296 25.05 -32.13 13.47
CA LYS A 296 23.95 -31.49 14.17
CA LYS A 296 23.75 -31.60 13.95
C LYS A 296 23.97 -29.97 14.03
C LYS A 296 23.79 -30.08 14.18
N GLY A 297 22.89 -29.39 13.49
CA GLY A 297 22.77 -27.92 13.54
C GLY A 297 21.84 -27.30 12.50
N ILE A 298 21.32 -26.11 12.83
CA ILE A 298 20.39 -25.40 11.95
C ILE A 298 21.05 -24.17 11.30
N PRO A 299 21.35 -24.26 9.99
CA PRO A 299 21.87 -23.08 9.27
C PRO A 299 20.76 -22.12 8.89
N ARG A 300 21.02 -20.83 9.00
CA ARG A 300 20.11 -19.82 8.49
C ARG A 300 20.84 -18.77 7.69
N HIS A 301 20.06 -17.96 6.97
CA HIS A 301 20.56 -16.83 6.21
C HIS A 301 21.43 -15.92 7.08
N GLY A 302 22.63 -15.62 6.60
CA GLY A 302 23.53 -14.70 7.31
C GLY A 302 24.66 -15.34 8.10
N TYR A 303 24.56 -16.65 8.36
CA TYR A 303 25.58 -17.35 9.12
C TYR A 303 26.86 -17.42 8.33
N GLU A 304 27.96 -17.01 8.97
CA GLU A 304 29.26 -17.02 8.34
C GLU A 304 29.71 -18.44 8.01
N VAL A 305 30.37 -18.59 6.87
CA VAL A 305 30.96 -19.86 6.50
C VAL A 305 32.49 -19.70 6.55
N PHE A 306 33.14 -20.63 7.25
CA PHE A 306 34.57 -20.59 7.51
C PHE A 306 35.26 -21.83 6.95
N GLN A 307 36.50 -21.68 6.51
CA GLN A 307 37.38 -22.82 6.28
C GLN A 307 38.77 -22.47 6.80
N ASN A 308 39.39 -23.43 7.48
CA ASN A 308 40.70 -23.23 8.13
C ASN A 308 40.87 -21.90 8.85
N GLY A 309 39.86 -21.53 9.63
CA GLY A 309 39.92 -20.37 10.50
C GLY A 309 39.58 -19.05 9.85
N LYS A 310 39.32 -19.09 8.55
CA LYS A 310 39.07 -17.86 7.82
C LYS A 310 37.71 -17.89 7.14
N SER A 311 37.06 -16.72 7.11
N SER A 311 37.02 -16.76 7.17
CA SER A 311 35.76 -16.46 6.45
CA SER A 311 35.75 -16.68 6.45
C SER A 311 35.80 -16.73 4.93
C SER A 311 35.98 -17.00 4.99
N VAL A 312 34.98 -17.66 4.42
CA VAL A 312 34.95 -17.95 2.99
C VAL A 312 33.60 -17.55 2.39
N GLY A 313 32.74 -16.94 3.20
CA GLY A 313 31.42 -16.49 2.76
C GLY A 313 30.31 -16.59 3.80
N LYS A 314 29.08 -16.75 3.30
CA LYS A 314 27.89 -16.73 4.15
C LYS A 314 26.81 -17.66 3.61
N VAL A 315 26.01 -18.21 4.53
CA VAL A 315 24.83 -18.98 4.18
C VAL A 315 23.78 -17.97 3.73
N THR A 316 23.14 -18.26 2.61
CA THR A 316 22.18 -17.32 2.03
C THR A 316 20.73 -17.78 2.19
N THR A 317 20.50 -19.09 2.23
CA THR A 317 19.19 -19.66 2.60
C THR A 317 19.40 -20.95 3.40
N GLY A 318 18.64 -21.09 4.49
CA GLY A 318 18.63 -22.34 5.27
C GLY A 318 17.32 -23.09 5.09
N THR A 319 17.41 -24.41 4.90
CA THR A 319 16.21 -25.25 4.77
C THR A 319 16.47 -26.74 5.03
N GLN A 320 15.48 -27.60 4.81
N GLN A 320 15.50 -27.55 4.63
CA GLN A 320 15.63 -29.08 4.99
CA GLN A 320 15.57 -28.99 4.73
C GLN A 320 15.48 -29.77 3.60
C GLN A 320 15.67 -29.66 3.36
N SER A 321 16.26 -30.85 3.37
CA SER A 321 16.18 -31.70 2.19
C SER A 321 15.60 -33.08 2.54
N PRO A 322 14.33 -33.34 2.15
CA PRO A 322 13.77 -34.69 2.25
C PRO A 322 14.60 -35.71 1.47
N THR A 323 15.05 -35.33 0.26
CA THR A 323 15.91 -36.16 -0.59
C THR A 323 17.09 -36.77 0.17
N LEU A 324 17.82 -35.91 0.89
CA LEU A 324 19.00 -36.31 1.65
C LEU A 324 18.66 -36.79 3.06
N GLY A 325 17.51 -36.33 3.57
CA GLY A 325 17.16 -36.52 4.97
C GLY A 325 17.99 -35.64 5.88
N LYS A 326 18.42 -34.51 5.35
CA LYS A 326 19.32 -33.62 6.09
C LYS A 326 18.92 -32.15 6.03
N ASN A 327 19.33 -31.44 7.08
CA ASN A 327 19.40 -29.99 7.11
C ASN A 327 20.36 -29.56 5.99
N VAL A 328 19.95 -28.56 5.21
CA VAL A 328 20.75 -28.08 4.07
C VAL A 328 20.78 -26.56 3.95
N GLY A 329 21.72 -26.07 3.16
CA GLY A 329 21.89 -24.63 2.98
C GLY A 329 22.41 -24.27 1.61
N LEU A 330 21.94 -23.15 1.11
CA LEU A 330 22.54 -22.47 -0.03
C LEU A 330 23.48 -21.43 0.55
N ALA A 331 24.72 -21.41 0.07
CA ALA A 331 25.71 -20.47 0.59
C ALA A 331 26.52 -19.79 -0.52
N LEU A 332 26.85 -18.53 -0.32
CA LEU A 332 27.73 -17.83 -1.24
C LEU A 332 29.14 -17.83 -0.65
N ILE A 333 30.05 -18.53 -1.32
CA ILE A 333 31.39 -18.77 -0.77
C ILE A 333 32.49 -18.55 -1.81
N ASP A 334 33.73 -18.39 -1.35
CA ASP A 334 34.88 -18.26 -2.24
C ASP A 334 34.92 -19.44 -3.22
N SER A 335 35.22 -19.13 -4.48
CA SER A 335 35.20 -20.10 -5.57
C SER A 335 36.14 -21.27 -5.34
N GLU A 336 37.27 -21.00 -4.69
CA GLU A 336 38.28 -22.03 -4.39
C GLU A 336 37.87 -23.06 -3.35
N THR A 337 36.77 -22.77 -2.64
CA THR A 337 36.18 -23.69 -1.68
C THR A 337 34.97 -24.45 -2.27
N SER A 338 34.63 -24.13 -3.53
CA SER A 338 33.31 -24.51 -4.09
C SER A 338 33.14 -25.91 -4.69
N GLU A 339 34.20 -26.68 -4.88
N GLU A 339 34.24 -26.69 -4.72
CA GLU A 339 33.99 -27.97 -5.54
CA GLU A 339 34.25 -28.07 -5.24
C GLU A 339 33.36 -28.97 -4.56
C GLU A 339 33.35 -29.03 -4.46
N ILE A 340 32.68 -29.96 -5.14
CA ILE A 340 31.85 -30.95 -4.44
C ILE A 340 32.70 -31.87 -3.55
N GLY A 341 32.29 -31.99 -2.29
CA GLY A 341 32.98 -32.83 -1.33
C GLY A 341 33.75 -32.06 -0.26
N THR A 342 34.07 -30.80 -0.57
CA THR A 342 34.74 -29.88 0.36
C THR A 342 33.94 -29.73 1.66
N VAL A 343 34.64 -29.81 2.79
CA VAL A 343 34.05 -29.55 4.09
C VAL A 343 34.35 -28.14 4.61
N VAL A 344 33.34 -27.50 5.16
CA VAL A 344 33.43 -26.15 5.68
C VAL A 344 32.83 -26.08 7.08
N ASP A 345 33.01 -24.95 7.75
CA ASP A 345 32.44 -24.71 9.06
C ASP A 345 31.43 -23.58 8.98
N VAL A 346 30.19 -23.87 9.33
CA VAL A 346 29.18 -22.82 9.42
C VAL A 346 28.91 -22.44 10.87
N GLU A 347 29.04 -21.15 11.16
CA GLU A 347 28.90 -20.66 12.52
C GLU A 347 27.44 -20.61 12.93
N ILE A 348 27.10 -21.47 13.90
CA ILE A 348 25.78 -21.48 14.53
C ILE A 348 26.01 -21.24 16.02
N ARG A 349 25.37 -20.21 16.60
N ARG A 349 25.33 -20.19 16.50
CA ARG A 349 25.52 -19.91 18.02
CA ARG A 349 25.51 -19.52 17.82
C ARG A 349 26.99 -19.93 18.53
C ARG A 349 26.86 -19.76 18.52
N LYS A 350 27.85 -19.10 17.92
CA LYS A 350 29.27 -19.02 18.36
C LYS A 350 30.05 -20.34 18.40
N LYS A 351 29.54 -21.36 17.70
N LYS A 351 29.55 -21.30 17.62
CA LYS A 351 30.23 -22.66 17.63
CA LYS A 351 30.11 -22.63 17.53
C LYS A 351 30.20 -23.23 16.21
C LYS A 351 30.23 -23.02 16.08
N LEU A 352 31.37 -23.57 15.70
CA LEU A 352 31.57 -24.04 14.33
C LEU A 352 31.12 -25.48 14.13
N VAL A 353 30.14 -25.67 13.26
CA VAL A 353 29.67 -27.01 12.89
C VAL A 353 29.88 -27.28 11.38
N LYS A 354 30.36 -28.49 11.08
CA LYS A 354 30.77 -28.85 9.72
C LYS A 354 29.60 -29.07 8.74
N ALA A 355 29.85 -28.72 7.49
CA ALA A 355 28.95 -28.98 6.37
C ALA A 355 29.79 -29.41 5.18
N LYS A 356 29.19 -29.91 4.12
N LYS A 356 29.17 -30.19 4.28
CA LYS A 356 29.93 -29.97 2.86
CA LYS A 356 29.83 -30.80 3.12
C LYS A 356 29.24 -29.30 1.68
C LYS A 356 29.15 -30.33 1.83
N VAL A 357 29.93 -29.34 0.54
N VAL A 357 29.91 -29.68 0.94
CA VAL A 357 29.34 -28.93 -0.72
CA VAL A 357 29.32 -29.06 -0.25
C VAL A 357 28.81 -30.15 -1.39
C VAL A 357 28.80 -30.17 -1.23
N VAL A 358 27.52 -30.10 -1.65
CA VAL A 358 26.86 -31.16 -2.40
C VAL A 358 26.46 -30.76 -3.83
N LYS A 359 26.10 -31.73 -4.65
N LYS A 359 26.12 -31.76 -4.63
CA LYS A 359 25.71 -31.47 -6.03
CA LYS A 359 25.58 -31.54 -5.97
C LYS A 359 24.30 -30.87 -6.11
C LYS A 359 24.27 -30.77 -5.90
N THR A 360 24.25 -29.63 -6.58
CA THR A 360 23.00 -28.92 -6.85
C THR A 360 23.20 -28.13 -8.15
N PRO A 361 22.17 -28.11 -9.03
CA PRO A 361 20.86 -28.74 -8.86
C PRO A 361 20.89 -30.25 -8.94
N PHE A 362 19.76 -30.87 -8.64
CA PHE A 362 19.64 -32.31 -8.62
C PHE A 362 19.32 -32.82 -10.03
N MSE B 4 -26.58 31.13 26.36
CA MSE B 4 -27.08 29.91 25.67
C MSE B 4 -26.03 29.37 24.71
O MSE B 4 -25.35 30.13 24.01
CB MSE B 4 -28.37 30.21 24.91
CG MSE B 4 -29.50 30.77 25.77
SE MSE B 4 -30.36 29.44 26.93
CE MSE B 4 -31.61 28.73 25.66
N LEU B 5 -25.89 28.04 24.67
CA LEU B 5 -25.04 27.39 23.66
C LEU B 5 -25.72 27.43 22.29
N LYS B 6 -24.92 27.42 21.24
CA LYS B 6 -25.46 27.37 19.88
C LYS B 6 -25.97 25.97 19.51
N ARG B 7 -27.03 25.94 18.71
CA ARG B 7 -27.68 24.70 18.31
C ARG B 7 -27.84 24.62 16.79
N THR B 8 -27.69 23.41 16.25
CA THR B 8 -28.00 23.12 14.84
C THR B 8 -29.51 22.93 14.69
N PRO B 9 -30.04 22.98 13.43
CA PRO B 9 -31.45 22.65 13.17
C PRO B 9 -31.94 21.29 13.67
N LEU B 10 -31.00 20.39 13.98
CA LEU B 10 -31.31 19.03 14.41
C LEU B 10 -31.54 18.91 15.92
N PHE B 11 -31.30 19.98 16.68
CA PHE B 11 -31.28 19.86 18.13
C PHE B 11 -32.50 19.20 18.76
N ASP B 12 -33.71 19.65 18.41
CA ASP B 12 -34.95 19.11 19.00
C ASP B 12 -35.06 17.59 18.83
N LEU B 13 -34.37 17.03 17.84
N LEU B 13 -34.25 17.10 17.88
CA LEU B 13 -34.41 15.56 17.63
CA LEU B 13 -34.08 15.72 17.45
C LEU B 13 -33.44 14.74 18.54
C LEU B 13 -33.42 14.80 18.47
N TYR B 14 -32.41 15.36 19.14
CA TYR B 14 -31.39 14.59 19.87
C TYR B 14 -31.91 13.64 20.96
N LYS B 15 -32.82 14.13 21.79
N LYS B 15 -32.79 14.14 21.83
CA LYS B 15 -33.28 13.41 22.97
CA LYS B 15 -33.26 13.36 23.00
C LYS B 15 -33.97 12.08 22.67
C LYS B 15 -33.89 12.02 22.61
N GLU B 16 -34.75 12.03 21.60
CA GLU B 16 -35.43 10.78 21.17
C GLU B 16 -34.48 9.73 20.58
N TYR B 17 -33.34 10.15 20.07
CA TYR B 17 -32.32 9.20 19.58
C TYR B 17 -31.29 8.93 20.65
N GLY B 18 -31.42 9.69 21.74
CA GLY B 18 -30.67 9.47 22.96
C GLY B 18 -29.33 10.13 22.92
N GLY B 19 -29.28 11.32 22.33
CA GLY B 19 -28.05 12.10 22.21
C GLY B 19 -27.57 12.61 23.54
N LYS B 20 -26.34 12.23 23.91
CA LYS B 20 -25.67 12.77 25.10
C LYS B 20 -24.89 14.01 24.71
N THR B 21 -25.44 15.16 25.08
CA THR B 21 -24.96 16.47 24.67
C THR B 21 -23.79 17.06 25.48
N ILE B 22 -22.84 17.68 24.78
CA ILE B 22 -21.75 18.44 25.39
C ILE B 22 -21.69 19.87 24.84
N ASP B 23 -20.84 20.70 25.47
CA ASP B 23 -20.44 21.97 24.89
C ASP B 23 -19.17 21.75 24.10
N PHE B 24 -19.27 21.92 22.78
CA PHE B 24 -18.16 21.73 21.86
C PHE B 24 -18.07 22.99 20.98
N GLY B 25 -17.10 23.84 21.30
CA GLY B 25 -16.89 25.10 20.58
C GLY B 25 -18.02 26.11 20.72
N GLY B 26 -18.76 26.05 21.82
CA GLY B 26 -19.86 26.98 22.06
C GLY B 26 -21.18 26.49 21.47
N TRP B 27 -21.16 25.30 20.91
CA TRP B 27 -22.33 24.63 20.35
C TRP B 27 -22.69 23.41 21.20
N GLU B 28 -23.97 23.15 21.43
CA GLU B 28 -24.31 21.85 22.04
C GLU B 28 -24.63 20.76 21.04
N LEU B 29 -23.75 19.77 21.03
CA LEU B 29 -23.70 18.71 20.06
C LEU B 29 -23.52 17.39 20.80
N PRO B 30 -24.05 16.28 20.23
CA PRO B 30 -23.87 15.00 20.90
C PRO B 30 -22.45 14.44 20.76
N VAL B 31 -21.84 14.02 21.87
CA VAL B 31 -20.58 13.24 21.84
C VAL B 31 -20.84 11.82 21.48
N GLN B 32 -22.07 11.38 21.74
CA GLN B 32 -22.53 10.00 21.51
C GLN B 32 -24.05 9.90 21.62
N PHE B 33 -24.61 8.83 21.04
CA PHE B 33 -26.03 8.53 21.18
C PHE B 33 -26.23 7.25 21.99
N SER B 34 -25.52 6.19 21.62
CA SER B 34 -25.49 4.95 22.39
C SER B 34 -24.14 4.85 23.10
N SER B 35 -23.13 4.35 22.37
CA SER B 35 -21.76 4.35 22.87
C SER B 35 -20.79 4.74 21.76
N ILE B 36 -19.67 5.35 22.14
CA ILE B 36 -18.63 5.78 21.19
C ILE B 36 -18.10 4.60 20.38
N LYS B 37 -17.73 3.53 21.09
CA LYS B 37 -17.29 2.28 20.49
C LYS B 37 -18.30 1.63 19.54
N LYS B 38 -19.59 1.65 19.91
N LYS B 38 -19.59 1.68 19.92
CA LYS B 38 -20.61 1.03 19.05
CA LYS B 38 -20.68 1.20 19.08
C LYS B 38 -21.00 1.94 17.83
C LYS B 38 -20.72 1.96 17.79
N GLU B 39 -20.81 3.26 17.95
CA GLU B 39 -20.96 4.18 16.83
C GLU B 39 -19.74 4.03 15.88
N HIS B 40 -18.54 4.04 16.44
CA HIS B 40 -17.33 3.74 15.64
C HIS B 40 -17.48 2.46 14.81
N GLU B 41 -17.96 1.39 15.44
CA GLU B 41 -18.11 0.08 14.77
C GLU B 41 -19.20 0.06 13.69
N ALA B 42 -20.25 0.86 13.88
CA ALA B 42 -21.27 1.03 12.86
C ALA B 42 -20.73 1.68 11.58
N VAL B 43 -19.82 2.65 11.69
CA VAL B 43 -19.27 3.27 10.48
C VAL B 43 -18.29 2.30 9.79
N ARG B 44 -17.46 1.63 10.58
CA ARG B 44 -16.52 0.66 10.02
C ARG B 44 -17.21 -0.50 9.30
N THR B 45 -18.44 -0.79 9.70
CA THR B 45 -19.04 -2.09 9.44
C THR B 45 -20.45 -2.02 8.85
N ALA B 46 -21.18 -0.96 9.17
CA ALA B 46 -22.54 -0.77 8.67
C ALA B 46 -22.66 0.65 8.08
N ALA B 47 -23.40 1.51 8.78
CA ALA B 47 -23.39 2.94 8.47
C ALA B 47 -23.69 3.78 9.72
N GLY B 48 -23.29 5.04 9.68
CA GLY B 48 -23.48 5.96 10.78
C GLY B 48 -23.98 7.29 10.29
N LEU B 49 -24.90 7.88 11.04
CA LEU B 49 -25.47 9.17 10.69
C LEU B 49 -24.89 10.22 11.62
N PHE B 50 -24.29 11.26 11.05
CA PHE B 50 -23.70 12.35 11.85
C PHE B 50 -24.36 13.67 11.54
N ASP B 51 -24.69 14.43 12.58
CA ASP B 51 -25.07 15.82 12.45
C ASP B 51 -23.80 16.66 12.44
N VAL B 52 -23.46 17.21 11.29
CA VAL B 52 -22.25 18.02 11.20
C VAL B 52 -22.55 19.43 10.69
N SER B 53 -23.71 19.94 11.10
CA SER B 53 -24.17 21.29 10.76
C SER B 53 -23.42 22.42 11.47
N HIS B 54 -22.57 22.09 12.44
N HIS B 54 -22.63 22.02 12.49
CA HIS B 54 -21.75 23.13 13.07
CA HIS B 54 -21.55 22.81 13.15
C HIS B 54 -20.88 23.92 12.06
C HIS B 54 -20.35 22.92 12.17
N MSE B 55 -20.67 23.28 10.93
CA MSE B 55 -19.72 23.65 9.90
C MSE B 55 -20.14 24.96 9.24
O MSE B 55 -21.34 25.21 9.12
CB MSE B 55 -19.75 22.58 8.83
CG MSE B 55 -18.53 22.55 7.98
SE MSE B 55 -17.16 21.60 8.91
CE MSE B 55 -17.61 19.82 8.42
N GLY B 56 -19.16 25.76 8.83
CA GLY B 56 -19.43 26.95 8.01
C GLY B 56 -19.58 26.65 6.53
N GLU B 57 -20.49 27.38 5.88
CA GLU B 57 -20.68 27.31 4.44
C GLU B 57 -20.61 28.73 3.86
N VAL B 58 -19.60 28.95 3.02
CA VAL B 58 -19.32 30.27 2.46
C VAL B 58 -19.41 30.17 0.94
N GLU B 59 -20.33 30.93 0.35
CA GLU B 59 -20.46 30.99 -1.09
C GLU B 59 -19.65 32.14 -1.67
N VAL B 60 -18.82 31.79 -2.67
CA VAL B 60 -17.97 32.76 -3.35
C VAL B 60 -18.28 32.79 -4.84
N SER B 61 -18.65 33.98 -5.32
CA SER B 61 -19.03 34.18 -6.72
C SER B 61 -18.43 35.47 -7.29
N GLY B 62 -18.72 35.73 -8.56
CA GLY B 62 -18.14 36.86 -9.28
C GLY B 62 -17.22 36.38 -10.38
N ASN B 63 -17.02 37.25 -11.36
CA ASN B 63 -16.14 36.97 -12.50
C ASN B 63 -14.72 36.59 -12.13
N ASP B 64 -14.22 37.10 -11.00
CA ASP B 64 -12.84 36.84 -10.61
C ASP B 64 -12.73 35.91 -9.39
N SER B 65 -13.76 35.07 -9.20
CA SER B 65 -13.84 34.17 -8.06
C SER B 65 -12.74 33.12 -8.11
N LEU B 66 -12.51 32.57 -9.29
CA LEU B 66 -11.51 31.50 -9.42
C LEU B 66 -10.09 32.03 -9.10
N SER B 67 -9.71 33.15 -9.70
CA SER B 67 -8.39 33.72 -9.46
C SER B 67 -8.18 34.08 -7.99
N PHE B 68 -9.23 34.61 -7.37
CA PHE B 68 -9.26 34.91 -5.93
C PHE B 68 -9.03 33.63 -5.14
N LEU B 69 -9.76 32.59 -5.47
CA LEU B 69 -9.59 31.30 -4.81
C LEU B 69 -8.23 30.69 -5.07
N GLN B 70 -7.68 30.88 -6.27
CA GLN B 70 -6.36 30.32 -6.62
C GLN B 70 -5.22 30.95 -5.82
N ARG B 71 -5.33 32.23 -5.49
CA ARG B 71 -4.37 32.91 -4.62
C ARG B 71 -4.42 32.45 -3.18
N LEU B 72 -5.64 32.18 -2.68
N LEU B 72 -5.57 32.09 -2.68
CA LEU B 72 -5.97 31.76 -1.26
CA LEU B 72 -5.58 31.83 -1.26
C LEU B 72 -5.55 30.34 -0.91
C LEU B 72 -5.55 30.32 -0.88
N MSE B 73 -5.84 29.42 -1.83
CA MSE B 73 -5.85 27.97 -1.55
C MSE B 73 -4.58 27.30 -2.03
O MSE B 73 -3.94 27.78 -2.97
CB MSE B 73 -7.04 27.30 -2.23
CG MSE B 73 -8.39 27.90 -1.93
SE MSE B 73 -8.67 28.13 -0.02
CE MSE B 73 -10.21 29.32 -0.16
N THR B 74 -4.22 26.19 -1.41
CA THR B 74 -2.99 25.49 -1.75
C THR B 74 -3.21 24.56 -2.97
N ASN B 75 -4.43 24.05 -3.09
CA ASN B 75 -4.77 23.16 -4.19
C ASN B 75 -5.06 23.98 -5.45
N ASP B 76 -5.00 23.31 -6.61
CA ASP B 76 -5.35 23.92 -7.88
C ASP B 76 -6.87 23.87 -8.09
N VAL B 77 -7.55 24.98 -7.79
CA VAL B 77 -9.02 25.00 -7.89
C VAL B 77 -9.56 25.07 -9.31
N SER B 78 -8.66 25.30 -10.27
CA SER B 78 -8.99 25.24 -11.69
C SER B 78 -9.28 23.81 -12.14
N ALA B 79 -8.88 22.83 -11.31
CA ALA B 79 -9.10 21.41 -11.60
C ALA B 79 -10.54 20.96 -11.34
N LEU B 80 -11.32 21.83 -10.70
CA LEU B 80 -12.75 21.61 -10.50
C LEU B 80 -13.54 21.90 -11.78
N THR B 81 -14.74 21.32 -11.85
CA THR B 81 -15.78 21.68 -12.80
C THR B 81 -17.07 21.65 -11.99
N PRO B 82 -18.14 22.35 -12.44
CA PRO B 82 -19.39 22.16 -11.74
C PRO B 82 -19.69 20.67 -11.49
N GLY B 83 -20.04 20.35 -10.24
CA GLY B 83 -20.30 18.97 -9.84
C GLY B 83 -19.08 18.26 -9.24
N ARG B 84 -17.94 18.98 -9.11
N ARG B 84 -18.08 19.04 -8.91
CA ARG B 84 -16.64 18.47 -8.54
CA ARG B 84 -16.90 18.45 -8.35
C ARG B 84 -16.26 19.22 -7.25
C ARG B 84 -16.34 19.24 -7.17
N ALA B 85 -15.64 18.52 -6.30
CA ALA B 85 -15.16 19.12 -5.07
C ALA B 85 -13.71 18.73 -4.81
N GLN B 86 -13.03 19.54 -4.02
CA GLN B 86 -11.67 19.19 -3.62
C GLN B 86 -11.43 19.63 -2.19
N TYR B 87 -10.52 18.92 -1.56
CA TYR B 87 -10.03 19.27 -0.25
C TYR B 87 -8.84 20.20 -0.45
N THR B 88 -8.62 21.10 0.49
CA THR B 88 -7.54 22.07 0.37
C THR B 88 -7.22 22.69 1.73
N ALA B 89 -6.03 23.30 1.81
CA ALA B 89 -5.65 24.12 2.94
C ALA B 89 -5.70 25.55 2.46
N MSE B 90 -5.74 26.49 3.40
CA MSE B 90 -5.63 27.90 3.12
C MSE B 90 -4.58 28.36 4.10
O MSE B 90 -4.78 28.23 5.30
CB MSE B 90 -6.99 28.59 3.36
CG MSE B 90 -7.06 30.00 2.89
SE MSE B 90 -8.86 30.74 3.07
CE MSE B 90 -9.19 30.29 4.93
N CYS B 91 -3.45 28.84 3.59
CA CYS B 91 -2.28 29.17 4.40
C CYS B 91 -1.95 30.66 4.50
N TYR B 92 -1.25 31.03 5.59
CA TYR B 92 -0.52 32.31 5.71
C TYR B 92 0.79 32.23 4.89
N PRO B 93 1.39 33.41 4.53
CA PRO B 93 2.67 33.47 3.77
C PRO B 93 3.80 32.58 4.27
N ASP B 94 3.86 32.36 5.58
CA ASP B 94 4.88 31.49 6.20
C ASP B 94 4.48 30.02 6.18
N GLY B 95 3.33 29.72 5.59
CA GLY B 95 2.94 28.32 5.38
C GLY B 95 2.16 27.69 6.51
N GLY B 96 2.09 28.36 7.66
CA GLY B 96 1.11 28.03 8.69
C GLY B 96 -0.28 28.03 8.07
N THR B 97 -1.21 27.31 8.66
CA THR B 97 -2.53 27.17 8.01
C THR B 97 -3.64 27.98 8.69
N VAL B 98 -4.43 28.65 7.87
CA VAL B 98 -5.58 29.44 8.33
C VAL B 98 -6.72 28.46 8.62
N ASP B 99 -6.98 27.60 7.66
CA ASP B 99 -7.96 26.53 7.78
C ASP B 99 -7.72 25.47 6.71
N ASP B 100 -8.30 24.30 6.91
CA ASP B 100 -8.55 23.39 5.81
C ASP B 100 -10.04 23.37 5.52
N LEU B 101 -10.39 23.03 4.28
CA LEU B 101 -11.76 23.10 3.78
C LEU B 101 -11.95 22.25 2.54
N LEU B 102 -13.20 22.09 2.14
CA LEU B 102 -13.55 21.53 0.86
C LEU B 102 -14.12 22.65 0.03
N ILE B 103 -13.77 22.64 -1.25
CA ILE B 103 -14.36 23.55 -2.23
C ILE B 103 -15.19 22.76 -3.23
N TYR B 104 -16.43 23.20 -3.37
CA TYR B 104 -17.38 22.65 -4.33
C TYR B 104 -17.55 23.62 -5.49
N GLN B 105 -17.35 23.17 -6.74
CA GLN B 105 -17.80 24.00 -7.84
C GLN B 105 -19.21 23.65 -8.27
N LYS B 106 -20.12 24.58 -7.98
N LYS B 106 -20.14 24.56 -8.10
CA LYS B 106 -21.55 24.48 -8.28
CA LYS B 106 -21.49 24.29 -8.54
C LYS B 106 -21.92 25.05 -9.67
C LYS B 106 -21.76 24.86 -9.91
N GLY B 107 -21.08 25.95 -10.22
CA GLY B 107 -21.25 26.56 -11.53
C GLY B 107 -20.02 27.34 -11.91
N GLU B 108 -20.01 27.87 -13.14
N GLU B 108 -19.97 27.86 -13.13
CA GLU B 108 -19.04 28.87 -13.58
CA GLU B 108 -18.86 28.73 -13.48
C GLU B 108 -19.11 30.05 -12.62
C GLU B 108 -19.04 30.05 -12.76
N ASN B 109 -17.97 30.49 -12.10
CA ASN B 109 -17.96 31.63 -11.15
C ASN B 109 -18.85 31.46 -9.91
N ARG B 110 -19.07 30.22 -9.46
N ARG B 110 -19.02 30.21 -9.46
CA ARG B 110 -19.88 29.96 -8.25
CA ARG B 110 -19.88 29.88 -8.31
C ARG B 110 -19.31 28.78 -7.46
C ARG B 110 -19.24 28.76 -7.48
N TYR B 111 -18.81 29.08 -6.26
CA TYR B 111 -18.14 28.08 -5.42
C TYR B 111 -18.72 28.08 -4.01
N LEU B 112 -18.78 26.90 -3.42
CA LEU B 112 -19.20 26.68 -2.04
C LEU B 112 -18.00 26.14 -1.26
N LEU B 113 -17.60 26.88 -0.22
CA LEU B 113 -16.49 26.47 0.65
C LEU B 113 -17.04 26.00 1.98
N VAL B 114 -16.57 24.83 2.40
CA VAL B 114 -17.06 24.20 3.61
C VAL B 114 -15.93 24.19 4.61
N ILE B 115 -16.07 25.05 5.61
CA ILE B 115 -14.98 25.42 6.51
C ILE B 115 -15.30 25.01 7.95
N ASN B 116 -14.28 24.95 8.80
CA ASN B 116 -14.47 24.62 10.21
C ASN B 116 -15.22 25.74 10.92
N ALA B 117 -16.20 25.38 11.73
CA ALA B 117 -17.04 26.35 12.48
C ALA B 117 -16.25 27.29 13.38
N SER B 118 -15.24 26.77 14.09
CA SER B 118 -14.39 27.64 14.93
C SER B 118 -13.62 28.70 14.14
N ASN B 119 -13.52 28.51 12.83
CA ASN B 119 -12.81 29.45 11.95
C ASN B 119 -13.70 30.29 11.04
N ILE B 120 -15.02 30.19 11.19
CA ILE B 120 -15.88 30.97 10.30
C ILE B 120 -15.40 32.44 10.22
N ASP B 121 -15.34 33.11 11.37
CA ASP B 121 -15.02 34.55 11.42
C ASP B 121 -13.57 34.86 11.01
N LYS B 122 -12.64 34.03 11.45
CA LYS B 122 -11.25 34.19 11.06
C LYS B 122 -11.14 34.04 9.54
N ASP B 123 -11.80 33.00 9.00
CA ASP B 123 -11.74 32.71 7.56
C ASP B 123 -12.28 33.83 6.71
N LEU B 124 -13.41 34.38 7.13
CA LEU B 124 -14.06 35.45 6.41
C LEU B 124 -13.23 36.72 6.40
N ALA B 125 -12.58 37.05 7.51
CA ALA B 125 -11.74 38.23 7.61
C ALA B 125 -10.49 38.05 6.74
N TRP B 126 -9.91 36.86 6.76
CA TRP B 126 -8.77 36.54 5.90
C TRP B 126 -9.14 36.70 4.41
N MSE B 127 -10.34 36.22 4.05
CA MSE B 127 -10.88 36.36 2.71
C MSE B 127 -11.21 37.80 2.32
O MSE B 127 -10.70 38.28 1.31
CB MSE B 127 -12.11 35.45 2.52
CG MSE B 127 -11.78 34.00 2.31
SE MSE B 127 -13.30 32.76 2.56
CE MSE B 127 -12.19 31.12 2.59
N LYS B 128 -12.05 38.53 3.06
N LYS B 128 -12.07 38.41 3.17
CA LYS B 128 -12.34 39.93 2.69
CA LYS B 128 -12.52 39.82 3.13
C LYS B 128 -11.12 40.72 2.29
C LYS B 128 -11.38 40.88 3.40
N GLU B 129 -10.10 40.54 3.10
CA GLU B 129 -8.95 41.45 3.07
C GLU B 129 -8.03 41.13 1.89
N HIS B 130 -8.18 39.93 1.34
CA HIS B 130 -7.45 39.52 0.14
C HIS B 130 -8.34 39.46 -1.08
N ALA B 131 -9.58 39.93 -0.91
CA ALA B 131 -10.50 40.07 -2.02
C ALA B 131 -9.91 41.04 -3.04
N ALA B 132 -9.89 40.60 -4.29
CA ALA B 132 -9.50 41.45 -5.40
C ALA B 132 -10.43 41.21 -6.58
N GLY B 133 -10.93 42.30 -7.15
CA GLY B 133 -11.73 42.25 -8.36
C GLY B 133 -13.21 42.00 -8.12
N ASP B 134 -13.85 41.32 -9.07
CA ASP B 134 -15.26 40.98 -8.94
C ASP B 134 -15.40 39.67 -8.16
N VAL B 135 -15.45 39.80 -6.84
CA VAL B 135 -15.61 38.70 -5.90
C VAL B 135 -16.68 39.05 -4.85
N GLN B 136 -17.66 38.16 -4.71
CA GLN B 136 -18.70 38.30 -3.70
C GLN B 136 -18.54 37.16 -2.71
N ILE B 137 -18.52 37.49 -1.42
CA ILE B 137 -18.39 36.51 -0.33
C ILE B 137 -19.66 36.51 0.51
N ASP B 138 -20.38 35.39 0.51
CA ASP B 138 -21.68 35.29 1.19
C ASP B 138 -21.66 34.12 2.20
N ASN B 139 -21.68 34.47 3.48
CA ASN B 139 -21.80 33.50 4.57
C ASN B 139 -23.22 32.95 4.62
N GLN B 140 -23.36 31.68 4.27
CA GLN B 140 -24.65 31.00 4.27
C GLN B 140 -24.76 29.95 5.39
N SER B 141 -23.98 30.12 6.45
CA SER B 141 -23.85 29.09 7.49
C SER B 141 -25.13 28.82 8.28
N ASP B 142 -25.96 29.83 8.47
CA ASP B 142 -27.20 29.67 9.26
C ASP B 142 -28.30 29.03 8.46
N GLN B 143 -28.14 29.02 7.15
CA GLN B 143 -29.19 28.59 6.25
C GLN B 143 -29.01 27.14 5.81
N ILE B 144 -27.84 26.57 6.10
CA ILE B 144 -27.45 25.24 5.60
C ILE B 144 -27.15 24.25 6.74
N ALA B 145 -27.74 23.06 6.63
CA ALA B 145 -27.51 21.96 7.57
C ALA B 145 -26.73 20.87 6.86
N LEU B 146 -25.96 20.10 7.61
CA LEU B 146 -25.07 19.12 6.98
C LEU B 146 -25.17 17.82 7.74
N LEU B 147 -25.58 16.78 7.01
CA LEU B 147 -25.73 15.42 7.54
C LEU B 147 -24.77 14.51 6.80
N ALA B 148 -24.05 13.68 7.53
CA ALA B 148 -23.11 12.74 6.92
C ALA B 148 -23.55 11.31 7.16
N VAL B 149 -23.61 10.53 6.09
CA VAL B 149 -23.94 9.11 6.13
C VAL B 149 -22.71 8.32 5.68
N GLN B 150 -22.14 7.51 6.58
CA GLN B 150 -20.80 6.96 6.38
C GLN B 150 -20.71 5.46 6.73
N GLY B 151 -19.91 4.73 5.97
CA GLY B 151 -19.79 3.28 6.16
C GLY B 151 -20.11 2.53 4.88
N PRO B 152 -19.79 1.21 4.83
CA PRO B 152 -19.93 0.42 3.60
C PRO B 152 -21.37 0.24 3.08
N LYS B 153 -22.36 0.55 3.91
CA LYS B 153 -23.75 0.36 3.54
C LYS B 153 -24.45 1.70 3.30
N ALA B 154 -23.66 2.77 3.29
CA ALA B 154 -24.15 4.13 3.08
C ALA B 154 -24.77 4.33 1.69
N GLU B 155 -24.13 3.77 0.66
CA GLU B 155 -24.65 3.87 -0.71
C GLU B 155 -26.03 3.24 -0.83
N ALA B 156 -26.16 2.02 -0.29
CA ALA B 156 -27.42 1.29 -0.32
C ALA B 156 -28.54 1.99 0.43
N ILE B 157 -28.23 2.59 1.58
CA ILE B 157 -29.20 3.37 2.32
C ILE B 157 -29.67 4.59 1.52
N LEU B 158 -28.72 5.30 0.89
CA LEU B 158 -29.01 6.52 0.15
C LEU B 158 -29.82 6.31 -1.13
N LYS B 159 -29.66 5.13 -1.74
CA LYS B 159 -30.52 4.74 -2.87
C LYS B 159 -31.99 4.75 -2.50
N ASN B 160 -32.30 4.39 -1.25
CA ASN B 160 -33.68 4.39 -0.74
C ASN B 160 -34.26 5.78 -0.52
N LEU B 161 -33.39 6.75 -0.28
CA LEU B 161 -33.77 8.11 0.09
C LEU B 161 -34.12 9.02 -1.08
N THR B 162 -33.62 8.69 -2.27
CA THR B 162 -33.70 9.55 -3.44
C THR B 162 -33.67 8.72 -4.73
N ASP B 163 -34.24 9.28 -5.80
CA ASP B 163 -34.17 8.69 -7.15
C ASP B 163 -32.86 8.99 -7.88
N ALA B 164 -32.24 10.12 -7.54
CA ALA B 164 -30.98 10.55 -8.16
C ALA B 164 -29.95 9.41 -8.15
N ASP B 165 -29.17 9.34 -9.21
CA ASP B 165 -28.13 8.32 -9.34
C ASP B 165 -26.96 8.74 -8.50
N VAL B 166 -27.09 8.49 -7.20
CA VAL B 166 -26.08 8.83 -6.21
C VAL B 166 -24.95 7.79 -6.28
N SER B 167 -25.28 6.57 -6.68
CA SER B 167 -24.32 5.47 -6.73
C SER B 167 -23.22 5.59 -7.78
N ALA B 168 -23.46 6.40 -8.82
CA ALA B 168 -22.52 6.61 -9.93
C ALA B 168 -21.46 7.66 -9.62
N LEU B 169 -21.76 8.54 -8.68
CA LEU B 169 -20.81 9.55 -8.20
C LEU B 169 -19.44 8.97 -7.88
N LYS B 170 -18.39 9.60 -8.41
CA LYS B 170 -17.02 9.26 -8.03
C LYS B 170 -16.73 9.93 -6.69
N PRO B 171 -15.70 9.46 -5.97
CA PRO B 171 -15.30 10.20 -4.77
C PRO B 171 -15.08 11.69 -5.09
N PHE B 172 -15.56 12.55 -4.23
CA PHE B 172 -15.54 14.02 -4.40
C PHE B 172 -16.51 14.60 -5.44
N ALA B 173 -17.31 13.76 -6.10
CA ALA B 173 -18.33 14.28 -6.99
C ALA B 173 -19.60 14.57 -6.22
N PHE B 174 -20.45 15.40 -6.80
CA PHE B 174 -21.69 15.71 -6.15
C PHE B 174 -22.82 15.98 -7.13
N ILE B 175 -24.05 15.82 -6.63
CA ILE B 175 -25.21 16.29 -7.35
C ILE B 175 -25.94 17.38 -6.56
N ASP B 176 -26.34 18.42 -7.27
CA ASP B 176 -27.00 19.56 -6.65
C ASP B 176 -28.50 19.55 -6.97
N GLU B 177 -29.30 20.05 -6.03
CA GLU B 177 -30.76 20.09 -6.18
C GLU B 177 -31.37 18.69 -6.39
N ALA B 178 -30.78 17.71 -5.71
CA ALA B 178 -31.32 16.36 -5.68
C ALA B 178 -32.50 16.34 -4.71
N ASP B 179 -33.51 15.52 -5.02
CA ASP B 179 -34.66 15.38 -4.14
C ASP B 179 -34.44 14.21 -3.17
N ILE B 180 -34.33 14.54 -1.89
CA ILE B 180 -34.33 13.54 -0.83
C ILE B 180 -35.67 13.66 -0.16
N SER B 181 -36.46 12.58 -0.28
CA SER B 181 -37.76 12.49 0.35
C SER B 181 -38.47 13.84 0.47
N GLY B 182 -38.72 14.47 -0.67
CA GLY B 182 -39.50 15.73 -0.73
C GLY B 182 -38.69 17.02 -0.62
N ARG B 183 -37.44 16.92 -0.19
CA ARG B 183 -36.62 18.11 0.01
C ARG B 183 -35.46 18.20 -0.97
N LYS B 184 -35.02 19.42 -1.22
CA LYS B 184 -33.91 19.66 -2.14
C LYS B 184 -32.60 19.73 -1.37
N ALA B 185 -31.60 18.99 -1.85
CA ALA B 185 -30.34 18.87 -1.15
C ALA B 185 -29.17 18.64 -2.10
N LEU B 186 -28.00 19.11 -1.68
CA LEU B 186 -26.76 18.78 -2.36
C LEU B 186 -26.20 17.53 -1.69
N ILE B 187 -25.93 16.50 -2.50
CA ILE B 187 -25.40 15.24 -2.02
C ILE B 187 -24.03 15.02 -2.66
N SER B 188 -22.98 14.92 -1.84
CA SER B 188 -21.63 14.68 -2.34
C SER B 188 -21.01 13.39 -1.80
N ARG B 189 -20.15 12.74 -2.59
CA ARG B 189 -19.46 11.53 -2.14
C ARG B 189 -18.15 11.90 -1.41
N THR B 190 -18.32 12.31 -0.17
CA THR B 190 -17.26 12.90 0.65
C THR B 190 -17.49 12.48 2.11
N GLY B 191 -16.44 12.56 2.92
CA GLY B 191 -16.54 12.26 4.34
C GLY B 191 -15.26 12.40 5.13
N TYR B 192 -15.31 12.04 6.40
CA TYR B 192 -14.25 12.36 7.34
C TYR B 192 -13.94 11.11 8.14
N THR B 193 -13.99 9.98 7.44
CA THR B 193 -14.24 8.72 8.10
C THR B 193 -13.23 7.60 7.73
N GLY B 194 -12.74 7.60 6.49
CA GLY B 194 -11.89 6.52 5.98
C GLY B 194 -12.71 5.39 5.34
N GLU B 195 -14.03 5.56 5.36
CA GLU B 195 -14.95 4.65 4.69
C GLU B 195 -15.57 5.37 3.51
N ASP B 196 -16.32 4.64 2.67
CA ASP B 196 -17.18 5.25 1.69
C ASP B 196 -18.22 6.05 2.46
N GLY B 197 -18.87 6.99 1.78
CA GLY B 197 -19.89 7.77 2.45
C GLY B 197 -20.30 8.99 1.68
N TYR B 198 -21.35 9.64 2.18
CA TYR B 198 -21.93 10.81 1.54
C TYR B 198 -22.19 11.88 2.57
N GLU B 199 -22.22 13.12 2.10
CA GLU B 199 -22.62 14.26 2.91
C GLU B 199 -23.79 14.93 2.22
N ILE B 200 -24.73 15.43 3.01
CA ILE B 200 -25.96 16.00 2.49
C ILE B 200 -26.18 17.42 3.03
N TYR B 201 -26.21 18.41 2.13
CA TYR B 201 -26.38 19.80 2.53
C TYR B 201 -27.79 20.20 2.18
N CYS B 202 -28.53 20.66 3.18
CA CYS B 202 -29.93 21.00 2.98
C CYS B 202 -30.27 22.30 3.68
N ARG B 203 -31.43 22.86 3.37
CA ARG B 203 -31.96 23.97 4.15
C ARG B 203 -32.13 23.53 5.60
N SER B 204 -31.86 24.46 6.53
CA SER B 204 -31.99 24.22 7.97
C SER B 204 -33.33 23.59 8.34
N ASP B 205 -34.39 24.16 7.78
CA ASP B 205 -35.77 23.74 8.04
C ASP B 205 -36.12 22.35 7.50
N ASP B 206 -35.25 21.78 6.67
CA ASP B 206 -35.50 20.44 6.12
C ASP B 206 -34.69 19.33 6.79
N ALA B 207 -33.75 19.71 7.65
CA ALA B 207 -32.73 18.79 8.18
C ALA B 207 -33.28 17.66 9.05
N MSE B 208 -34.29 17.99 9.87
CA MSE B 208 -34.89 17.01 10.76
C MSE B 208 -35.67 15.94 10.01
O MSE B 208 -35.57 14.75 10.32
CB MSE B 208 -35.77 17.72 11.81
CG MSE B 208 -34.97 18.23 12.99
SE MSE B 208 -36.01 19.26 14.26
CE MSE B 208 -37.01 17.83 15.13
N HIS B 209 -36.40 16.35 8.98
CA HIS B 209 -37.09 15.43 8.07
C HIS B 209 -36.13 14.41 7.41
N ILE B 210 -35.07 14.91 6.82
CA ILE B 210 -34.07 14.06 6.15
C ILE B 210 -33.39 13.11 7.15
N TRP B 211 -33.01 13.63 8.31
CA TRP B 211 -32.47 12.81 9.41
C TRP B 211 -33.40 11.62 9.70
N LYS B 212 -34.68 11.94 9.90
CA LYS B 212 -35.71 10.94 10.13
C LYS B 212 -35.89 10.01 8.94
N LYS B 213 -35.70 10.50 7.73
CA LYS B 213 -35.84 9.64 6.59
C LYS B 213 -34.61 8.72 6.40
N ILE B 214 -33.43 9.21 6.80
CA ILE B 214 -32.18 8.40 6.81
C ILE B 214 -32.19 7.26 7.84
N ILE B 215 -32.55 7.48 9.12
N ILE B 215 -32.63 7.61 9.04
CA ILE B 215 -32.64 6.32 10.12
CA ILE B 215 -32.87 6.64 10.08
C ILE B 215 -33.76 5.31 9.70
C ILE B 215 -33.68 5.45 9.58
N ASP B 216 -34.90 5.78 9.16
CA ASP B 216 -35.90 4.85 8.60
C ASP B 216 -35.32 4.00 7.47
N ALA B 217 -34.63 4.65 6.54
CA ALA B 217 -34.06 3.98 5.37
C ALA B 217 -32.80 3.19 5.74
N GLY B 218 -32.20 3.49 6.89
CA GLY B 218 -30.99 2.81 7.35
C GLY B 218 -31.17 1.69 8.37
N ASP B 219 -32.35 1.64 8.98
CA ASP B 219 -32.67 0.65 10.05
C ASP B 219 -32.36 -0.80 9.68
N ALA B 220 -32.80 -1.22 8.49
CA ALA B 220 -32.54 -2.56 8.01
C ALA B 220 -31.05 -2.88 7.79
N TYR B 221 -30.21 -1.84 7.77
CA TYR B 221 -28.77 -1.98 7.44
C TYR B 221 -27.84 -1.85 8.65
N GLY B 222 -28.41 -1.49 9.81
CA GLY B 222 -27.64 -1.29 11.03
C GLY B 222 -27.23 0.16 11.29
N LEU B 223 -27.84 1.10 10.56
CA LEU B 223 -27.51 2.52 10.68
C LEU B 223 -27.91 3.04 12.06
N ILE B 224 -26.97 3.63 12.76
CA ILE B 224 -27.26 4.32 14.03
C ILE B 224 -26.73 5.74 14.01
N PRO B 225 -27.33 6.66 14.79
CA PRO B 225 -26.78 8.00 14.93
C PRO B 225 -25.44 8.02 15.67
N CYS B 226 -24.50 8.80 15.16
CA CYS B 226 -23.16 8.88 15.73
C CYS B 226 -22.82 10.31 16.13
N GLY B 227 -22.13 10.44 17.27
CA GLY B 227 -21.75 11.73 17.84
C GLY B 227 -20.32 12.14 17.58
N LEU B 228 -19.88 13.18 18.27
CA LEU B 228 -18.51 13.73 18.12
C LEU B 228 -17.39 12.79 18.56
N GLY B 229 -17.64 12.01 19.60
CA GLY B 229 -16.64 11.06 20.09
C GLY B 229 -16.21 10.08 19.03
N ALA B 230 -17.19 9.45 18.37
CA ALA B 230 -16.90 8.48 17.32
C ALA B 230 -16.40 9.16 16.03
N ARG B 231 -16.88 10.37 15.78
CA ARG B 231 -16.40 11.20 14.66
C ARG B 231 -14.90 11.36 14.80
N ASP B 232 -14.44 11.63 16.03
CA ASP B 232 -13.02 11.82 16.29
C ASP B 232 -12.18 10.55 16.16
N THR B 233 -12.68 9.42 16.66
CA THR B 233 -11.92 8.16 16.62
C THR B 233 -11.79 7.59 15.20
N LEU B 234 -12.86 7.71 14.41
CA LEU B 234 -12.83 7.31 13.00
C LEU B 234 -11.79 8.10 12.19
N ARG B 235 -11.91 9.44 12.17
CA ARG B 235 -10.96 10.31 11.44
C ARG B 235 -9.51 10.12 11.91
N PHE B 236 -9.32 10.04 13.23
CA PHE B 236 -8.00 9.78 13.86
C PHE B 236 -7.31 8.52 13.31
N GLU B 237 -8.07 7.43 13.25
CA GLU B 237 -7.57 6.17 12.71
C GLU B 237 -7.15 6.26 11.26
N ALA B 238 -7.93 7.00 10.48
CA ALA B 238 -7.67 7.26 9.06
C ALA B 238 -6.63 8.37 8.83
N ASN B 239 -6.24 8.95 9.97
N ASN B 239 -5.96 8.85 9.87
CA ASN B 239 -5.19 9.97 10.14
CA ASN B 239 -4.93 9.93 9.72
C ASN B 239 -5.49 11.27 9.38
C ASN B 239 -5.50 11.23 9.07
N ILE B 240 -6.76 11.57 9.36
CA ILE B 240 -7.30 12.81 8.87
C ILE B 240 -7.03 13.92 9.90
N PRO B 241 -6.48 15.09 9.45
CA PRO B 241 -6.17 16.16 10.42
C PRO B 241 -7.40 16.81 11.01
N LEU B 242 -7.29 17.29 12.24
CA LEU B 242 -8.28 18.16 12.84
C LEU B 242 -7.65 19.52 13.08
N TYR B 243 -8.28 20.57 12.54
CA TYR B 243 -7.79 21.91 12.77
C TYR B 243 -7.80 22.19 14.26
N GLY B 244 -6.68 22.70 14.75
CA GLY B 244 -6.52 22.96 16.16
C GLY B 244 -5.57 21.94 16.75
N GLN B 245 -5.35 20.86 16.00
CA GLN B 245 -4.51 19.79 16.50
C GLN B 245 -3.44 19.42 15.47
N GLU B 246 -3.82 18.79 14.36
CA GLU B 246 -2.83 18.47 13.32
C GLU B 246 -2.58 19.65 12.39
N LEU B 247 -3.56 20.55 12.31
CA LEU B 247 -3.44 21.77 11.51
C LEU B 247 -3.74 23.01 12.34
N THR B 248 -2.87 23.99 12.20
CA THR B 248 -2.79 25.07 13.16
C THR B 248 -2.09 26.27 12.51
N ARG B 249 -2.14 27.42 13.16
CA ARG B 249 -1.32 28.58 12.80
C ARG B 249 0.18 28.26 12.66
N ASP B 250 0.67 27.32 13.48
CA ASP B 250 2.10 26.97 13.56
C ASP B 250 2.50 25.73 12.75
N ILE B 251 1.51 25.00 12.24
CA ILE B 251 1.76 23.77 11.48
C ILE B 251 1.41 23.97 10.01
N THR B 252 2.31 23.56 9.11
CA THR B 252 2.05 23.59 7.68
C THR B 252 1.37 22.30 7.22
N PRO B 253 0.59 22.37 6.12
CA PRO B 253 0.05 21.21 5.42
C PRO B 253 1.07 20.11 5.12
N ILE B 254 2.31 20.49 4.78
CA ILE B 254 3.35 19.49 4.51
C ILE B 254 3.66 18.70 5.79
N GLU B 255 3.94 19.44 6.87
CA GLU B 255 4.14 18.85 8.20
C GLU B 255 2.98 17.95 8.62
N ALA B 256 1.75 18.40 8.37
CA ALA B 256 0.55 17.64 8.71
C ALA B 256 0.29 16.43 7.82
N GLY B 257 1.11 16.22 6.79
CA GLY B 257 0.96 15.03 5.94
C GLY B 257 -0.10 15.17 4.84
N ILE B 258 -0.53 16.39 4.58
CA ILE B 258 -1.48 16.67 3.49
C ILE B 258 -0.86 17.45 2.31
N GLY B 259 0.36 17.06 1.95
CA GLY B 259 1.06 17.66 0.82
C GLY B 259 0.36 17.49 -0.51
N PHE B 260 -0.42 16.41 -0.64
CA PHE B 260 -1.19 16.14 -1.85
C PHE B 260 -2.21 17.23 -2.18
N ALA B 261 -2.59 18.02 -1.17
CA ALA B 261 -3.53 19.12 -1.34
C ALA B 261 -2.78 20.42 -1.62
N VAL B 262 -1.46 20.32 -1.70
CA VAL B 262 -0.62 21.47 -2.00
C VAL B 262 -0.05 21.27 -3.39
N LYS B 263 -0.57 22.03 -4.35
CA LYS B 263 -0.10 21.94 -5.72
C LYS B 263 0.94 23.02 -5.93
N HIS B 264 2.13 22.75 -5.41
CA HIS B 264 3.20 23.74 -5.34
C HIS B 264 3.68 24.21 -6.73
N LYS B 265 3.38 23.41 -7.76
N LYS B 265 3.42 23.41 -7.76
CA LYS B 265 3.67 23.72 -9.17
CA LYS B 265 3.73 23.79 -9.14
C LYS B 265 2.67 24.67 -9.82
C LYS B 265 2.52 24.37 -9.91
N LYS B 266 1.54 24.90 -9.18
CA LYS B 266 0.46 25.76 -9.74
C LYS B 266 1.06 27.00 -10.38
N GLU B 267 0.58 27.36 -11.55
N GLU B 267 0.54 27.43 -11.54
CA GLU B 267 0.99 28.59 -12.18
CA GLU B 267 0.97 28.68 -12.21
C GLU B 267 0.71 29.78 -11.23
C GLU B 267 0.61 29.93 -11.39
N SER B 268 -0.48 29.81 -10.64
CA SER B 268 -0.90 30.88 -9.74
C SER B 268 0.02 30.92 -8.52
N ASP B 269 0.33 32.13 -8.08
CA ASP B 269 0.97 32.30 -6.79
C ASP B 269 -0.14 32.14 -5.77
N PHE B 270 0.18 31.51 -4.64
CA PHE B 270 -0.76 31.42 -3.51
C PHE B 270 -0.02 31.72 -2.23
N PHE B 271 -0.75 32.16 -1.21
CA PHE B 271 -0.12 32.46 0.07
C PHE B 271 0.49 31.18 0.64
N GLY B 272 1.78 31.24 0.94
CA GLY B 272 2.50 30.09 1.49
C GLY B 272 3.33 29.32 0.48
N LYS B 273 3.18 29.68 -0.80
CA LYS B 273 3.74 28.93 -1.93
C LYS B 273 5.23 28.60 -1.84
N SER B 274 6.09 29.60 -1.61
CA SER B 274 7.54 29.35 -1.59
C SER B 274 7.98 28.49 -0.40
N VAL B 275 7.46 28.80 0.78
CA VAL B 275 7.70 27.99 1.97
C VAL B 275 7.24 26.54 1.76
N LEU B 276 6.02 26.37 1.25
CA LEU B 276 5.44 25.04 1.02
C LEU B 276 6.14 24.25 -0.08
N SER B 277 6.65 24.95 -1.07
CA SER B 277 7.39 24.32 -2.17
C SER B 277 8.75 23.81 -1.72
N GLU B 278 9.38 24.55 -0.82
N GLU B 278 9.39 24.54 -0.80
CA GLU B 278 10.67 24.17 -0.24
CA GLU B 278 10.68 24.15 -0.25
C GLU B 278 10.52 22.91 0.62
C GLU B 278 10.54 22.94 0.66
N GLN B 279 9.42 22.86 1.37
CA GLN B 279 9.10 21.69 2.19
C GLN B 279 8.65 20.51 1.33
N LYS B 280 7.97 20.82 0.23
CA LYS B 280 7.54 19.83 -0.76
C LYS B 280 8.72 19.12 -1.42
N GLU B 281 9.65 19.94 -1.94
N GLU B 281 9.66 19.86 -1.97
CA GLU B 281 10.81 19.53 -2.76
CA GLU B 281 10.79 19.23 -2.62
C GLU B 281 11.97 18.92 -1.92
C GLU B 281 11.68 18.57 -1.60
N ASN B 282 12.16 19.39 -0.67
CA ASN B 282 13.26 18.97 0.19
C ASN B 282 12.86 18.27 1.49
N GLY B 283 11.56 18.18 1.75
CA GLY B 283 11.06 17.60 3.00
C GLY B 283 11.03 18.61 4.13
N ALA B 284 10.02 18.51 4.99
CA ALA B 284 9.84 19.43 6.11
C ALA B 284 10.66 18.99 7.32
N LYS B 285 10.95 19.92 8.22
CA LYS B 285 11.78 19.64 9.40
C LYS B 285 11.01 18.86 10.47
N ARG B 286 9.68 18.88 10.37
CA ARG B 286 8.80 18.13 11.27
C ARG B 286 7.84 17.28 10.44
N LYS B 287 7.34 16.21 11.05
CA LYS B 287 6.56 15.20 10.35
C LYS B 287 5.56 14.57 11.30
N LEU B 288 4.29 14.54 10.89
CA LEU B 288 3.22 13.92 11.65
C LEU B 288 3.38 12.40 11.58
N VAL B 289 3.60 11.78 12.74
CA VAL B 289 3.64 10.32 12.82
C VAL B 289 2.64 9.76 13.83
N GLY B 290 2.40 8.47 13.74
CA GLY B 290 1.67 7.74 14.76
C GLY B 290 2.61 7.29 15.87
N LEU B 291 2.11 7.35 17.09
CA LEU B 291 2.86 6.89 18.25
C LEU B 291 2.10 5.78 18.97
N GLU B 292 2.81 4.71 19.32
CA GLU B 292 2.24 3.63 20.12
C GLU B 292 2.94 3.51 21.47
N MSE B 293 2.15 3.54 22.54
CA MSE B 293 2.67 3.55 23.90
C MSE B 293 3.25 2.20 24.31
O MSE B 293 2.57 1.17 24.20
CB MSE B 293 1.57 3.95 24.89
CG MSE B 293 0.84 5.23 24.52
SE MSE B 293 1.98 6.79 24.57
CE MSE B 293 2.41 6.74 26.45
N ILE B 294 4.49 2.21 24.78
CA ILE B 294 5.17 1.00 25.23
C ILE B 294 4.84 0.73 26.70
N GLU B 295 5.04 1.74 27.56
CA GLU B 295 4.75 1.65 28.99
C GLU B 295 3.32 2.16 29.28
N LYS B 296 2.85 2.20 30.53
N LYS B 296 3.12 2.49 30.55
CA LYS B 296 1.39 2.48 30.77
CA LYS B 296 1.85 2.93 31.08
C LYS B 296 1.02 3.96 31.10
C LYS B 296 1.52 4.38 30.82
N GLY B 297 0.42 4.61 30.10
CA GLY B 297 -0.15 5.96 30.13
C GLY B 297 -0.95 6.27 28.88
N ILE B 298 -1.96 7.12 29.03
CA ILE B 298 -2.81 7.51 27.91
C ILE B 298 -2.30 8.82 27.30
N PRO B 299 -2.01 8.83 25.98
CA PRO B 299 -1.60 10.09 25.37
C PRO B 299 -2.80 10.98 25.07
N ARG B 300 -2.60 12.28 25.19
CA ARG B 300 -3.58 13.24 24.71
C ARG B 300 -2.92 14.51 24.18
N HIS B 301 -3.75 15.38 23.61
CA HIS B 301 -3.31 16.59 22.95
C HIS B 301 -2.46 17.51 23.84
N GLY B 302 -1.27 17.86 23.35
CA GLY B 302 -0.40 18.80 24.05
C GLY B 302 0.81 18.21 24.76
N TYR B 303 0.83 16.90 24.97
CA TYR B 303 1.92 16.24 25.69
C TYR B 303 3.24 16.32 24.94
N GLU B 304 4.25 16.89 25.60
CA GLU B 304 5.61 17.02 25.04
C GLU B 304 6.17 15.64 24.72
N VAL B 305 6.94 15.54 23.64
CA VAL B 305 7.58 14.30 23.24
C VAL B 305 9.10 14.50 23.22
N PHE B 306 9.83 13.53 23.76
CA PHE B 306 11.28 13.62 23.95
C PHE B 306 12.02 12.41 23.38
N GLN B 307 13.26 12.65 22.95
CA GLN B 307 14.23 11.58 22.71
C GLN B 307 15.59 12.05 23.22
N ASN B 308 16.30 11.16 23.92
CA ASN B 308 17.60 11.46 24.55
C ASN B 308 17.49 12.60 25.58
N GLY B 309 16.33 12.75 26.18
CA GLY B 309 16.10 13.87 27.10
C GLY B 309 16.07 15.23 26.41
N LYS B 310 15.89 15.20 25.09
CA LYS B 310 15.78 16.43 24.30
C LYS B 310 14.39 16.47 23.68
N SER B 311 13.79 17.66 23.65
CA SER B 311 12.45 17.85 23.08
C SER B 311 12.46 17.58 21.57
N VAL B 312 11.62 16.64 21.13
CA VAL B 312 11.48 16.36 19.69
C VAL B 312 10.09 16.69 19.11
N GLY B 313 9.12 16.98 19.98
CA GLY B 313 7.79 17.35 19.50
C GLY B 313 6.68 17.32 20.51
N LYS B 314 5.47 17.07 20.01
CA LYS B 314 4.26 17.17 20.80
C LYS B 314 3.17 16.31 20.20
N VAL B 315 2.29 15.81 21.06
CA VAL B 315 1.16 14.99 20.65
C VAL B 315 0.09 15.97 20.16
N THR B 316 -0.43 15.70 18.97
CA THR B 316 -1.47 16.53 18.37
C THR B 316 -2.84 15.97 18.73
N THR B 317 -2.97 14.65 18.68
CA THR B 317 -4.19 13.96 19.08
C THR B 317 -3.87 12.67 19.80
N GLY B 318 -4.53 12.47 20.93
CA GLY B 318 -4.46 11.22 21.66
C GLY B 318 -5.85 10.80 22.08
N THR B 319 -6.36 9.75 21.45
CA THR B 319 -7.62 9.13 21.81
C THR B 319 -7.55 7.62 21.60
N GLN B 320 -8.69 6.96 21.81
CA GLN B 320 -8.79 5.52 21.60
C GLN B 320 -8.94 5.19 20.12
N SER B 321 -8.44 4.00 19.77
CA SER B 321 -8.64 3.43 18.45
C SER B 321 -9.45 2.16 18.66
N PRO B 322 -10.81 2.27 18.57
CA PRO B 322 -11.67 1.09 18.77
C PRO B 322 -11.46 -0.02 17.75
N THR B 323 -10.94 0.29 16.57
CA THR B 323 -10.69 -0.72 15.54
C THR B 323 -9.46 -1.58 15.87
N LEU B 324 -8.39 -0.95 16.35
CA LEU B 324 -7.16 -1.67 16.70
C LEU B 324 -7.08 -2.10 18.17
N GLY B 325 -7.82 -1.41 19.04
CA GLY B 325 -7.82 -1.69 20.48
C GLY B 325 -6.54 -1.27 21.18
N LYS B 326 -5.82 -0.33 20.57
CA LYS B 326 -4.48 0.04 21.02
C LYS B 326 -4.44 1.43 21.66
N ASN B 327 -3.34 1.69 22.35
CA ASN B 327 -3.12 2.96 23.03
C ASN B 327 -2.17 3.82 22.19
N VAL B 328 -2.75 4.72 21.40
CA VAL B 328 -2.04 5.43 20.35
C VAL B 328 -2.32 6.94 20.23
N GLY B 329 -1.40 7.64 19.58
CA GLY B 329 -1.56 9.06 19.34
C GLY B 329 -1.03 9.51 17.98
N LEU B 330 -1.36 10.74 17.65
CA LEU B 330 -0.77 11.44 16.52
C LEU B 330 0.14 12.50 17.11
N ALA B 331 1.37 12.58 16.61
CA ALA B 331 2.37 13.54 17.12
C ALA B 331 3.19 14.19 16.00
N LEU B 332 3.40 15.49 16.11
CA LEU B 332 4.28 16.19 15.18
C LEU B 332 5.67 16.26 15.80
N ILE B 333 6.60 15.55 15.17
CA ILE B 333 7.94 15.38 15.73
C ILE B 333 9.03 15.72 14.69
N ASP B 334 10.14 16.27 15.17
CA ASP B 334 11.30 16.61 14.34
C ASP B 334 11.64 15.43 13.43
N SER B 335 11.98 15.72 12.18
CA SER B 335 12.04 14.71 11.12
C SER B 335 13.03 13.58 11.36
N GLU B 336 14.06 13.84 12.15
CA GLU B 336 15.10 12.84 12.41
C GLU B 336 14.66 11.76 13.39
N THR B 337 13.61 12.04 14.15
CA THR B 337 13.02 11.09 15.10
C THR B 337 11.82 10.35 14.47
N SER B 338 11.45 10.73 13.26
CA SER B 338 10.18 10.31 12.64
C SER B 338 10.16 8.90 12.04
N GLU B 339 11.32 8.23 12.00
CA GLU B 339 11.40 6.90 11.40
C GLU B 339 10.58 5.90 12.20
N ILE B 340 9.95 4.95 11.50
CA ILE B 340 9.18 3.92 12.17
C ILE B 340 10.09 3.05 13.03
N GLY B 341 9.69 2.86 14.28
CA GLY B 341 10.46 2.04 15.21
C GLY B 341 11.18 2.81 16.30
N THR B 342 11.65 4.02 15.97
CA THR B 342 12.38 4.84 16.96
C THR B 342 11.57 5.12 18.23
N VAL B 343 12.22 4.95 19.37
CA VAL B 343 11.60 5.07 20.68
C VAL B 343 11.67 6.50 21.19
N VAL B 344 10.53 7.01 21.63
CA VAL B 344 10.45 8.33 22.24
C VAL B 344 9.86 8.24 23.63
N ASP B 345 9.91 9.35 24.35
CA ASP B 345 9.21 9.50 25.62
C ASP B 345 8.13 10.55 25.46
N VAL B 346 6.95 10.24 25.96
CA VAL B 346 5.89 11.23 26.03
C VAL B 346 5.62 11.62 27.49
N GLU B 347 5.68 12.92 27.74
CA GLU B 347 5.43 13.50 29.06
C GLU B 347 3.97 13.37 29.46
N ILE B 348 3.70 12.42 30.37
CA ILE B 348 2.38 12.22 30.93
C ILE B 348 2.44 12.44 32.43
N ARG B 349 1.70 13.43 32.90
CA ARG B 349 1.67 13.80 34.32
C ARG B 349 3.07 13.88 34.92
N LYS B 350 3.85 14.80 34.37
CA LYS B 350 5.24 15.08 34.78
C LYS B 350 6.20 13.88 34.80
N LYS B 351 5.79 12.77 34.19
CA LYS B 351 6.64 11.59 34.07
C LYS B 351 6.77 11.09 32.62
N LEU B 352 7.96 10.62 32.26
CA LEU B 352 8.25 10.14 30.91
C LEU B 352 7.96 8.65 30.72
N VAL B 353 7.00 8.36 29.84
CA VAL B 353 6.65 6.99 29.48
C VAL B 353 7.02 6.70 28.01
N LYS B 354 7.65 5.56 27.79
CA LYS B 354 8.16 5.20 26.47
C LYS B 354 7.07 4.92 25.45
N ALA B 355 7.29 5.42 24.23
CA ALA B 355 6.44 5.12 23.09
C ALA B 355 7.33 4.86 21.88
N LYS B 356 6.76 4.23 20.85
CA LYS B 356 7.44 4.06 19.57
C LYS B 356 6.58 4.63 18.44
N VAL B 357 7.25 5.17 17.42
CA VAL B 357 6.55 5.62 16.22
C VAL B 357 6.17 4.44 15.34
N VAL B 358 4.91 4.42 14.91
CA VAL B 358 4.35 3.28 14.20
C VAL B 358 3.76 3.70 12.86
N LYS B 359 3.53 2.72 11.99
CA LYS B 359 2.91 2.97 10.69
C LYS B 359 1.58 3.71 10.85
N THR B 360 1.32 4.59 9.90
CA THR B 360 0.14 5.43 9.89
C THR B 360 -0.31 5.58 8.42
N PRO B 361 -1.62 5.67 8.15
CA PRO B 361 -2.75 5.65 9.10
C PRO B 361 -2.88 4.32 9.81
N PHE B 362 -3.52 4.34 10.98
CA PHE B 362 -3.82 3.13 11.74
C PHE B 362 -4.82 2.23 10.99
N TYR B 363 -5.70 2.86 10.21
CA TYR B 363 -6.72 2.16 9.43
C TYR B 363 -6.71 2.53 7.93
N LYS B 364 -6.82 1.50 7.08
CA LYS B 364 -6.92 1.70 5.63
C LYS B 364 -7.95 0.74 5.02
N ARG B 365 -8.47 1.11 3.84
CA ARG B 365 -9.51 0.37 3.10
C ARG B 365 -10.90 0.52 3.75
C1 EDO C . -21.39 15.02 15.51
O1 EDO C . -21.12 15.32 14.13
C2 EDO C . -22.78 15.53 15.91
O2 EDO C . -23.80 14.58 15.52
#